data_1R8L
#
_entry.id   1R8L
#
_cell.length_a   50.910
_cell.length_b   81.190
_cell.length_c   104.880
_cell.angle_alpha   90.00
_cell.angle_beta   98.53
_cell.angle_gamma   90.00
#
_symmetry.space_group_name_H-M   'P 1 21 1'
#
loop_
_entity.id
_entity.type
_entity.pdbx_description
1 polymer endo-beta-1,4-galactanase
2 non-polymer 'CALCIUM ION'
3 water water
#
_entity_poly.entity_id   1
_entity_poly.type   'polypeptide(L)'
_entity_poly.pdbx_seq_one_letter_code
;AHRDSGTAKSGLYVEKVSGLRKDFIKGVDVSSIIALEESGVAFYNESGKKQDIFKTLKEAGVNYVRVRIWNDPYDANGNG
YGGGNNDLEKAIQIGKRATANGMKLLADFHYSDFWADPAKQKAPKAWANLNFEDKKTALYQYTKQSLKAMKAAGIDIGMV
QVGNETNGGLAGETDWAKMSQLFNAGSQAVRETDSNILVALHFTNPETSGRYAWIAETLHRHHVDYDVFASSYYPFWHGT
LKNLTSVLTSVADTYGKKVMVAETSYTYTAEDGDGHGNTAPKNGQTLNNPVTVQGQANAVRDVIQAVSDVGEAGIGVFYW
EPAWIPVGPAHRLEKNKALWETYGSGWATSYAAEYDPEDAGKWFGGSAVDNQALFDFKGRPLPSLHVFQYVDTGTPFKN
;
_entity_poly.pdbx_strand_id   A,B
#
# COMPACT_ATOMS: atom_id res chain seq x y z
N GLY A 11 5.60 14.59 0.90
CA GLY A 11 6.87 14.52 1.70
C GLY A 11 6.68 14.35 3.21
N LEU A 12 6.29 13.14 3.63
CA LEU A 12 6.07 12.80 5.05
C LEU A 12 7.18 11.87 5.57
N TYR A 13 7.81 12.24 6.70
CA TYR A 13 8.84 11.39 7.30
C TYR A 13 8.30 10.63 8.52
N VAL A 14 8.66 9.35 8.64
CA VAL A 14 8.24 8.52 9.76
C VAL A 14 9.37 7.56 10.06
N GLU A 15 9.96 7.69 11.23
CA GLU A 15 11.06 6.83 11.61
C GLU A 15 10.57 5.43 12.00
N LYS A 16 11.13 4.42 11.34
CA LYS A 16 10.78 3.04 11.60
C LYS A 16 10.66 2.76 13.10
N VAL A 17 9.58 2.10 13.48
CA VAL A 17 9.39 1.74 14.87
C VAL A 17 10.28 0.54 15.13
N SER A 18 11.23 0.70 16.04
CA SER A 18 12.17 -0.36 16.35
C SER A 18 11.53 -1.50 17.14
N GLY A 19 11.66 -2.72 16.61
CA GLY A 19 11.13 -3.88 17.28
C GLY A 19 9.66 -4.16 17.09
N LEU A 20 9.03 -3.44 16.17
CA LEU A 20 7.62 -3.64 15.93
C LEU A 20 7.36 -5.04 15.38
N ARG A 21 6.46 -5.77 16.03
CA ARG A 21 6.08 -7.11 15.65
C ARG A 21 5.28 -7.10 14.35
N LYS A 22 5.43 -8.15 13.55
CA LYS A 22 4.73 -8.22 12.28
C LYS A 22 3.21 -8.29 12.36
N ASP A 23 2.69 -8.93 13.41
CA ASP A 23 1.25 -9.08 13.58
C ASP A 23 0.64 -8.01 14.49
N PHE A 24 1.34 -6.89 14.60
CA PHE A 24 0.87 -5.80 15.42
C PHE A 24 -0.45 -5.29 14.83
N ILE A 25 -1.42 -5.10 15.70
CA ILE A 25 -2.74 -4.61 15.35
C ILE A 25 -2.71 -3.13 15.03
N LYS A 26 -3.18 -2.77 13.84
CA LYS A 26 -3.25 -1.37 13.45
C LYS A 26 -4.70 -1.09 13.13
N GLY A 27 -5.45 -0.60 14.11
CA GLY A 27 -6.87 -0.36 13.89
C GLY A 27 -7.37 1.07 13.94
N VAL A 28 -8.60 1.25 13.48
CA VAL A 28 -9.22 2.55 13.48
C VAL A 28 -10.66 2.34 13.90
N ASP A 29 -11.25 3.40 14.46
CA ASP A 29 -12.63 3.35 14.89
C ASP A 29 -13.37 4.37 14.02
N VAL A 30 -14.16 3.88 13.06
CA VAL A 30 -14.90 4.73 12.15
C VAL A 30 -16.40 4.59 12.39
N SER A 31 -16.78 4.47 13.65
CA SER A 31 -18.18 4.30 14.02
C SER A 31 -19.19 5.27 13.39
N SER A 32 -18.75 6.51 13.18
CA SER A 32 -19.62 7.53 12.60
C SER A 32 -19.74 7.44 11.08
N ILE A 33 -18.98 6.55 10.45
CA ILE A 33 -19.00 6.44 8.99
C ILE A 33 -20.39 6.33 8.35
N ILE A 34 -21.28 5.54 8.96
CA ILE A 34 -22.63 5.36 8.42
C ILE A 34 -23.48 6.64 8.48
N ALA A 35 -23.44 7.34 9.61
CA ALA A 35 -24.21 8.56 9.73
C ALA A 35 -23.70 9.59 8.73
N LEU A 36 -22.38 9.70 8.61
CA LEU A 36 -21.77 10.66 7.70
C LEU A 36 -22.15 10.37 6.25
N GLU A 37 -22.17 9.08 5.91
CA GLU A 37 -22.51 8.70 4.56
C GLU A 37 -23.94 9.11 4.22
N GLU A 38 -24.85 8.92 5.15
CA GLU A 38 -26.23 9.29 4.92
C GLU A 38 -26.42 10.80 4.86
N SER A 39 -25.41 11.53 5.33
CA SER A 39 -25.48 12.98 5.33
C SER A 39 -24.92 13.53 4.03
N GLY A 40 -24.48 12.64 3.15
CA GLY A 40 -23.96 13.07 1.87
C GLY A 40 -22.45 13.16 1.77
N VAL A 41 -21.76 12.91 2.88
CA VAL A 41 -20.30 12.97 2.89
C VAL A 41 -19.72 11.84 2.07
N ALA A 42 -18.66 12.11 1.33
CA ALA A 42 -18.01 11.10 0.48
C ALA A 42 -16.51 11.11 0.71
N PHE A 43 -15.88 9.95 0.52
CA PHE A 43 -14.45 9.85 0.72
C PHE A 43 -13.76 9.43 -0.57
N TYR A 44 -12.53 9.90 -0.77
CA TYR A 44 -11.76 9.57 -1.97
C TYR A 44 -10.48 8.88 -1.59
N ASN A 45 -9.61 8.69 -2.57
CA ASN A 45 -8.32 8.05 -2.36
C ASN A 45 -7.21 8.96 -2.87
N GLU A 46 -5.98 8.48 -2.78
CA GLU A 46 -4.83 9.26 -3.24
C GLU A 46 -5.11 9.94 -4.57
N SER A 47 -5.50 9.14 -5.56
CA SER A 47 -5.79 9.62 -6.91
C SER A 47 -6.83 10.72 -6.97
N GLY A 48 -7.76 10.72 -6.02
CA GLY A 48 -8.78 11.75 -6.00
C GLY A 48 -10.13 11.24 -6.47
N LYS A 49 -10.20 9.93 -6.70
CA LYS A 49 -11.45 9.31 -7.15
C LYS A 49 -12.28 8.80 -5.97
N LYS A 50 -13.59 8.94 -6.08
CA LYS A 50 -14.50 8.49 -5.05
C LYS A 50 -14.23 7.01 -4.81
N GLN A 51 -14.10 6.61 -3.55
CA GLN A 51 -13.84 5.20 -3.20
C GLN A 51 -14.30 4.87 -1.77
N ASP A 52 -14.73 3.64 -1.53
CA ASP A 52 -15.16 3.21 -0.20
C ASP A 52 -14.03 3.42 0.80
N ILE A 53 -14.32 4.11 1.90
CA ILE A 53 -13.30 4.38 2.88
C ILE A 53 -12.64 3.10 3.39
N PHE A 54 -13.42 2.04 3.50
CA PHE A 54 -12.88 0.79 3.97
C PHE A 54 -11.81 0.23 3.04
N LYS A 55 -11.98 0.43 1.74
CA LYS A 55 -10.98 -0.05 0.79
C LYS A 55 -9.72 0.79 0.97
N THR A 56 -9.91 2.08 1.20
CA THR A 56 -8.81 3.01 1.41
C THR A 56 -8.05 2.67 2.69
N LEU A 57 -8.79 2.36 3.74
CA LEU A 57 -8.18 2.01 5.02
C LEU A 57 -7.33 0.75 4.87
N LYS A 58 -7.80 -0.21 4.07
CA LYS A 58 -7.07 -1.44 3.84
C LYS A 58 -5.73 -1.18 3.14
N GLU A 59 -5.77 -0.41 2.05
CA GLU A 59 -4.57 -0.07 1.29
C GLU A 59 -3.60 0.73 2.15
N ALA A 60 -4.12 1.33 3.22
CA ALA A 60 -3.31 2.13 4.13
C ALA A 60 -2.58 1.28 5.17
N GLY A 61 -2.92 0.00 5.25
CA GLY A 61 -2.27 -0.89 6.21
C GLY A 61 -3.10 -1.24 7.43
N VAL A 62 -4.32 -0.72 7.53
CA VAL A 62 -5.21 -0.99 8.64
C VAL A 62 -5.73 -2.43 8.58
N ASN A 63 -5.70 -3.13 9.71
CA ASN A 63 -6.16 -4.52 9.74
C ASN A 63 -7.23 -4.77 10.79
N TYR A 64 -7.69 -3.71 11.43
CA TYR A 64 -8.69 -3.85 12.46
C TYR A 64 -9.62 -2.66 12.45
N VAL A 65 -10.86 -2.90 12.84
CA VAL A 65 -11.83 -1.84 12.89
C VAL A 65 -12.61 -1.92 14.19
N ARG A 66 -12.72 -0.80 14.89
CA ARG A 66 -13.47 -0.75 16.15
C ARG A 66 -14.80 -0.05 15.91
N VAL A 67 -15.84 -0.50 16.60
CA VAL A 67 -17.15 0.11 16.46
C VAL A 67 -17.86 0.14 17.81
N ARG A 68 -18.32 1.33 18.19
CA ARG A 68 -19.04 1.45 19.43
C ARG A 68 -20.47 0.96 19.19
N ILE A 69 -21.07 0.38 20.22
CA ILE A 69 -22.42 -0.12 20.13
C ILE A 69 -23.22 0.33 21.34
N TRP A 70 -24.31 1.03 21.05
CA TRP A 70 -25.22 1.50 22.09
C TRP A 70 -26.50 0.67 21.99
N ASN A 71 -27.14 0.42 23.12
CA ASN A 71 -28.35 -0.40 23.12
C ASN A 71 -29.50 0.24 22.34
N ASP A 72 -29.94 1.40 22.81
CA ASP A 72 -31.05 2.13 22.19
C ASP A 72 -30.77 3.62 22.11
N PRO A 73 -29.91 4.03 21.17
CA PRO A 73 -29.54 5.44 20.98
C PRO A 73 -30.65 6.30 20.37
N TYR A 74 -31.90 6.04 20.74
CA TYR A 74 -33.00 6.81 20.19
C TYR A 74 -34.02 7.18 21.26
N ASP A 75 -34.82 8.21 21.01
CA ASP A 75 -35.84 8.61 21.97
C ASP A 75 -37.08 7.76 21.73
N ALA A 76 -38.16 8.01 22.45
CA ALA A 76 -39.36 7.20 22.30
C ALA A 76 -39.92 7.21 20.88
N ASN A 77 -39.67 8.29 20.16
CA ASN A 77 -40.18 8.44 18.81
C ASN A 77 -39.26 7.95 17.71
N GLY A 78 -38.04 7.55 18.07
CA GLY A 78 -37.12 7.04 17.07
C GLY A 78 -36.09 8.02 16.56
N ASN A 79 -35.91 9.14 17.28
CA ASN A 79 -34.94 10.15 16.88
C ASN A 79 -33.58 9.84 17.52
N GLY A 80 -32.58 9.58 16.68
CA GLY A 80 -31.25 9.26 17.17
C GLY A 80 -30.64 10.32 18.04
N TYR A 81 -29.92 9.89 19.07
CA TYR A 81 -29.25 10.80 20.01
C TYR A 81 -28.04 11.45 19.34
N GLY A 82 -27.66 10.94 18.16
CA GLY A 82 -26.52 11.49 17.47
C GLY A 82 -25.27 10.68 17.75
N GLY A 83 -24.11 11.29 17.55
CA GLY A 83 -22.88 10.56 17.80
C GLY A 83 -22.71 9.38 16.86
N GLY A 84 -23.54 9.30 15.82
CA GLY A 84 -23.43 8.21 14.88
C GLY A 84 -24.61 7.27 14.97
N ASN A 85 -25.45 7.45 15.99
CA ASN A 85 -26.62 6.59 16.18
C ASN A 85 -26.19 5.13 16.09
N ASN A 86 -25.09 4.79 16.76
CA ASN A 86 -24.57 3.42 16.68
C ASN A 86 -25.32 2.36 17.47
N ASP A 87 -25.90 1.41 16.73
CA ASP A 87 -26.63 0.34 17.34
C ASP A 87 -26.14 -0.96 16.72
N LEU A 88 -26.73 -2.07 17.12
CA LEU A 88 -26.31 -3.35 16.56
C LEU A 88 -26.44 -3.36 15.04
N GLU A 89 -27.45 -2.67 14.52
CA GLU A 89 -27.69 -2.63 13.09
C GLU A 89 -26.51 -2.03 12.35
N LYS A 90 -26.13 -0.83 12.74
CA LYS A 90 -24.99 -0.15 12.11
C LYS A 90 -23.69 -0.92 12.35
N ALA A 91 -23.58 -1.56 13.51
CA ALA A 91 -22.41 -2.34 13.85
C ALA A 91 -22.22 -3.46 12.84
N ILE A 92 -23.32 -4.10 12.45
CA ILE A 92 -23.28 -5.18 11.48
C ILE A 92 -22.96 -4.62 10.09
N GLN A 93 -23.56 -3.49 9.74
CA GLN A 93 -23.27 -2.87 8.46
C GLN A 93 -21.79 -2.58 8.36
N ILE A 94 -21.27 -1.93 9.39
CA ILE A 94 -19.85 -1.61 9.44
C ILE A 94 -19.02 -2.89 9.46
N GLY A 95 -19.44 -3.83 10.29
CA GLY A 95 -18.75 -5.09 10.42
C GLY A 95 -18.59 -5.83 9.09
N LYS A 96 -19.70 -5.92 8.36
CA LYS A 96 -19.68 -6.59 7.05
C LYS A 96 -18.66 -5.94 6.11
N ARG A 97 -18.69 -4.62 6.05
CA ARG A 97 -17.76 -3.90 5.18
C ARG A 97 -16.31 -4.15 5.58
N ALA A 98 -16.03 -4.13 6.88
CA ALA A 98 -14.66 -4.37 7.35
C ALA A 98 -14.20 -5.76 6.99
N THR A 99 -15.07 -6.74 7.20
CA THR A 99 -14.72 -8.11 6.87
C THR A 99 -14.50 -8.24 5.36
N ALA A 100 -15.32 -7.58 4.56
CA ALA A 100 -15.18 -7.64 3.11
C ALA A 100 -13.81 -7.11 2.69
N ASN A 101 -13.15 -6.36 3.56
CA ASN A 101 -11.84 -5.80 3.24
C ASN A 101 -10.70 -6.42 4.04
N GLY A 102 -10.89 -7.65 4.47
CA GLY A 102 -9.87 -8.34 5.22
C GLY A 102 -9.43 -7.64 6.48
N MET A 103 -10.39 -7.19 7.28
CA MET A 103 -10.09 -6.52 8.54
C MET A 103 -10.91 -7.12 9.68
N LYS A 104 -10.29 -7.35 10.83
CA LYS A 104 -11.00 -7.93 11.97
C LYS A 104 -11.83 -6.84 12.61
N LEU A 105 -12.80 -7.22 13.42
CA LEU A 105 -13.65 -6.26 14.11
C LEU A 105 -13.45 -6.28 15.63
N LEU A 106 -13.57 -5.12 16.25
CA LEU A 106 -13.48 -5.00 17.70
C LEU A 106 -14.84 -4.43 18.09
N ALA A 107 -15.71 -5.27 18.65
CA ALA A 107 -17.03 -4.81 19.07
C ALA A 107 -16.89 -4.14 20.42
N ASP A 108 -17.16 -2.83 20.48
CA ASP A 108 -17.04 -2.13 21.74
C ASP A 108 -18.42 -1.83 22.33
N PHE A 109 -18.86 -2.66 23.28
CA PHE A 109 -20.15 -2.47 23.92
C PHE A 109 -20.08 -1.43 25.01
N HIS A 110 -20.88 -0.39 24.86
CA HIS A 110 -20.91 0.66 25.87
C HIS A 110 -21.89 0.28 26.97
N TYR A 111 -22.78 -0.65 26.67
CA TYR A 111 -23.77 -1.07 27.65
C TYR A 111 -24.45 0.17 28.22
N SER A 112 -24.83 1.06 27.31
CA SER A 112 -25.51 2.30 27.64
C SER A 112 -26.21 2.71 26.36
N ASP A 113 -27.14 3.65 26.45
CA ASP A 113 -27.84 4.11 25.25
C ASP A 113 -27.08 5.26 24.59
N PHE A 114 -26.10 5.81 25.29
CA PHE A 114 -25.31 6.90 24.72
C PHE A 114 -23.91 6.90 25.29
N TRP A 115 -23.07 7.84 24.84
CA TRP A 115 -21.67 7.92 25.26
C TRP A 115 -21.39 7.44 26.68
N ALA A 116 -20.37 6.58 26.82
CA ALA A 116 -19.98 6.06 28.11
C ALA A 116 -18.53 6.46 28.38
N ASP A 117 -18.26 7.12 29.50
CA ASP A 117 -16.89 7.51 29.81
C ASP A 117 -16.70 7.56 31.33
N PRO A 118 -15.56 8.10 31.80
CA PRO A 118 -15.33 8.15 33.25
C PRO A 118 -16.38 8.91 34.06
N ALA A 119 -17.25 9.66 33.38
CA ALA A 119 -18.27 10.43 34.08
C ALA A 119 -19.67 9.94 33.79
N LYS A 120 -19.88 9.44 32.58
CA LYS A 120 -21.19 8.95 32.20
C LYS A 120 -21.18 7.44 31.93
N GLN A 121 -21.88 6.71 32.77
CA GLN A 121 -21.99 5.25 32.64
C GLN A 121 -23.46 4.90 32.91
N LYS A 122 -24.36 5.65 32.31
CA LYS A 122 -25.80 5.45 32.50
C LYS A 122 -26.24 4.14 31.88
N ALA A 123 -27.19 3.47 32.54
CA ALA A 123 -27.68 2.20 32.01
C ALA A 123 -28.69 2.39 30.90
N PRO A 124 -28.80 1.41 30.00
CA PRO A 124 -29.76 1.52 28.91
C PRO A 124 -31.15 1.75 29.50
N LYS A 125 -31.97 2.57 28.84
CA LYS A 125 -33.31 2.84 29.35
C LYS A 125 -34.04 1.54 29.66
N ALA A 126 -33.81 0.49 28.89
CA ALA A 126 -34.47 -0.79 29.10
C ALA A 126 -34.11 -1.43 30.44
N TRP A 127 -32.87 -1.23 30.87
CA TRP A 127 -32.39 -1.80 32.12
C TRP A 127 -32.60 -0.79 33.24
N ALA A 128 -33.12 0.38 32.87
CA ALA A 128 -33.37 1.48 33.81
C ALA A 128 -33.66 1.05 35.24
N ASN A 129 -34.81 0.43 35.45
CA ASN A 129 -35.16 -0.01 36.79
C ASN A 129 -35.25 -1.52 36.91
N LEU A 130 -34.09 -2.18 36.81
CA LEU A 130 -34.00 -3.63 36.93
C LEU A 130 -33.10 -3.92 38.10
N ASN A 131 -33.44 -4.95 38.87
CA ASN A 131 -32.60 -5.31 40.01
C ASN A 131 -31.31 -5.88 39.46
N PHE A 132 -30.21 -5.64 40.17
CA PHE A 132 -28.91 -6.11 39.74
C PHE A 132 -28.91 -7.50 39.13
N GLU A 133 -29.54 -8.45 39.81
CA GLU A 133 -29.59 -9.83 39.33
C GLU A 133 -30.17 -9.92 37.91
N ASP A 134 -31.23 -9.15 37.67
CA ASP A 134 -31.89 -9.15 36.36
C ASP A 134 -31.12 -8.35 35.31
N LYS A 135 -30.38 -7.34 35.77
CA LYS A 135 -29.59 -6.55 34.85
C LYS A 135 -28.40 -7.38 34.40
N LYS A 136 -27.81 -8.14 35.32
CA LYS A 136 -26.68 -9.00 35.03
C LYS A 136 -27.04 -9.99 33.94
N THR A 137 -28.19 -10.64 34.08
CA THR A 137 -28.61 -11.61 33.08
C THR A 137 -29.00 -10.94 31.76
N ALA A 138 -29.47 -9.71 31.84
CA ALA A 138 -29.84 -8.94 30.65
C ALA A 138 -28.61 -8.58 29.84
N LEU A 139 -27.56 -8.20 30.54
CA LEU A 139 -26.31 -7.82 29.91
C LEU A 139 -25.70 -9.05 29.22
N TYR A 140 -25.79 -10.20 29.88
CA TYR A 140 -25.26 -11.42 29.30
C TYR A 140 -26.05 -11.78 28.04
N GLN A 141 -27.38 -11.65 28.12
CA GLN A 141 -28.22 -11.95 26.97
C GLN A 141 -27.90 -11.04 25.80
N TYR A 142 -27.85 -9.74 26.08
CA TYR A 142 -27.57 -8.74 25.05
C TYR A 142 -26.29 -9.05 24.29
N THR A 143 -25.23 -9.31 25.03
CA THR A 143 -23.94 -9.60 24.42
C THR A 143 -24.03 -10.85 23.58
N LYS A 144 -24.61 -11.89 24.17
CA LYS A 144 -24.78 -13.19 23.52
C LYS A 144 -25.59 -13.05 22.23
N GLN A 145 -26.70 -12.32 22.28
CA GLN A 145 -27.51 -12.16 21.09
C GLN A 145 -26.77 -11.33 20.05
N SER A 146 -26.24 -10.18 20.48
CA SER A 146 -25.51 -9.31 19.57
C SER A 146 -24.41 -10.03 18.80
N LEU A 147 -23.59 -10.78 19.51
CA LEU A 147 -22.50 -11.52 18.89
C LEU A 147 -23.02 -12.56 17.91
N LYS A 148 -23.99 -13.36 18.34
CA LYS A 148 -24.54 -14.39 17.47
C LYS A 148 -25.06 -13.74 16.19
N ALA A 149 -25.63 -12.55 16.33
CA ALA A 149 -26.16 -11.80 15.19
C ALA A 149 -25.04 -11.44 14.22
N MET A 150 -23.95 -10.92 14.75
CA MET A 150 -22.82 -10.53 13.91
C MET A 150 -22.25 -11.77 13.24
N LYS A 151 -22.17 -12.86 13.98
CA LYS A 151 -21.64 -14.11 13.43
C LYS A 151 -22.49 -14.56 12.24
N ALA A 152 -23.81 -14.51 12.39
CA ALA A 152 -24.71 -14.91 11.32
C ALA A 152 -24.45 -14.09 10.07
N ALA A 153 -24.16 -12.80 10.24
CA ALA A 153 -23.88 -11.91 9.11
C ALA A 153 -22.52 -12.24 8.52
N GLY A 154 -21.83 -13.21 9.11
CA GLY A 154 -20.53 -13.61 8.63
C GLY A 154 -19.42 -12.62 8.85
N ILE A 155 -19.51 -11.87 9.96
CA ILE A 155 -18.50 -10.86 10.31
C ILE A 155 -17.35 -11.51 11.08
N ASP A 156 -16.12 -11.13 10.77
CA ASP A 156 -14.97 -11.70 11.46
C ASP A 156 -14.68 -10.92 12.74
N ILE A 157 -15.22 -11.39 13.85
CA ILE A 157 -15.02 -10.71 15.12
C ILE A 157 -13.75 -11.23 15.79
N GLY A 158 -12.78 -10.36 16.01
CA GLY A 158 -11.57 -10.80 16.64
C GLY A 158 -11.47 -10.42 18.10
N MET A 159 -12.15 -9.34 18.47
CA MET A 159 -12.06 -8.86 19.85
C MET A 159 -13.37 -8.20 20.32
N VAL A 160 -13.63 -8.28 21.62
CA VAL A 160 -14.83 -7.67 22.17
C VAL A 160 -14.42 -6.87 23.40
N GLN A 161 -14.95 -5.67 23.49
CA GLN A 161 -14.64 -4.81 24.61
C GLN A 161 -15.87 -4.80 25.50
N VAL A 162 -15.73 -5.21 26.76
CA VAL A 162 -16.86 -5.22 27.68
C VAL A 162 -16.88 -3.89 28.47
N GLY A 163 -17.48 -2.87 27.85
CA GLY A 163 -17.54 -1.56 28.48
C GLY A 163 -16.57 -0.58 27.84
N ASN A 164 -16.79 0.73 28.05
CA ASN A 164 -15.93 1.77 27.46
C ASN A 164 -15.51 2.76 28.56
N GLU A 165 -14.21 2.80 28.86
CA GLU A 165 -13.68 3.70 29.89
C GLU A 165 -14.44 3.58 31.22
N THR A 166 -14.60 2.33 31.65
CA THR A 166 -15.31 2.01 32.87
C THR A 166 -14.41 2.26 34.09
N ASN A 167 -14.00 3.50 34.27
CA ASN A 167 -13.14 3.85 35.40
C ASN A 167 -13.87 3.86 36.71
N GLY A 168 -15.15 4.22 36.65
CA GLY A 168 -15.94 4.28 37.87
C GLY A 168 -17.33 3.71 37.82
N GLY A 169 -17.74 3.14 36.70
CA GLY A 169 -19.07 2.59 36.64
C GLY A 169 -19.29 1.74 35.42
N LEU A 170 -20.47 1.15 35.35
CA LEU A 170 -20.88 0.31 34.24
C LEU A 170 -22.39 0.06 34.36
N ALA A 171 -23.11 0.35 33.29
CA ALA A 171 -24.56 0.17 33.24
C ALA A 171 -25.29 0.61 34.51
N GLY A 172 -24.97 1.81 34.99
CA GLY A 172 -25.62 2.32 36.19
C GLY A 172 -25.06 1.78 37.50
N GLU A 173 -24.10 0.88 37.42
CA GLU A 173 -23.49 0.30 38.61
C GLU A 173 -22.17 1.02 38.90
N THR A 174 -21.91 1.31 40.17
CA THR A 174 -20.69 2.00 40.55
C THR A 174 -19.88 1.23 41.59
N ASP A 175 -20.39 0.09 42.03
CA ASP A 175 -19.69 -0.72 43.01
C ASP A 175 -18.83 -1.77 42.32
N TRP A 176 -17.51 -1.69 42.52
CA TRP A 176 -16.61 -2.64 41.87
C TRP A 176 -16.94 -4.12 42.08
N ALA A 177 -17.59 -4.44 43.18
CA ALA A 177 -17.96 -5.82 43.46
C ALA A 177 -19.02 -6.22 42.43
N LYS A 178 -19.98 -5.33 42.21
CA LYS A 178 -21.03 -5.61 41.24
C LYS A 178 -20.54 -5.38 39.81
N MET A 179 -19.58 -4.48 39.63
CA MET A 179 -19.07 -4.22 38.30
C MET A 179 -18.40 -5.47 37.76
N SER A 180 -17.56 -6.09 38.58
CA SER A 180 -16.85 -7.31 38.19
C SER A 180 -17.80 -8.38 37.71
N GLN A 181 -18.92 -8.50 38.40
CA GLN A 181 -19.93 -9.49 38.03
C GLN A 181 -20.51 -9.19 36.66
N LEU A 182 -20.70 -7.91 36.34
CA LEU A 182 -21.23 -7.54 35.03
C LEU A 182 -20.18 -7.84 33.97
N PHE A 183 -18.93 -7.56 34.31
CA PHE A 183 -17.82 -7.83 33.42
C PHE A 183 -17.80 -9.32 33.05
N ASN A 184 -17.88 -10.20 34.04
CA ASN A 184 -17.87 -11.63 33.78
C ASN A 184 -19.09 -12.06 32.98
N ALA A 185 -20.20 -11.38 33.21
CA ALA A 185 -21.44 -11.69 32.51
C ALA A 185 -21.25 -11.47 31.01
N GLY A 186 -20.68 -10.33 30.65
CA GLY A 186 -20.45 -10.04 29.24
C GLY A 186 -19.35 -10.94 28.72
N SER A 187 -18.37 -11.21 29.57
CA SER A 187 -17.25 -12.04 29.21
C SER A 187 -17.75 -13.45 28.91
N GLN A 188 -18.61 -13.96 29.79
CA GLN A 188 -19.21 -15.28 29.66
C GLN A 188 -19.84 -15.45 28.28
N ALA A 189 -20.58 -14.45 27.86
CA ALA A 189 -21.24 -14.51 26.57
C ALA A 189 -20.22 -14.64 25.46
N VAL A 190 -19.15 -13.86 25.54
CA VAL A 190 -18.09 -13.89 24.53
C VAL A 190 -17.47 -15.29 24.46
N ARG A 191 -17.11 -15.82 25.63
CA ARG A 191 -16.51 -17.14 25.73
C ARG A 191 -17.38 -18.21 25.09
N GLU A 192 -18.67 -18.17 25.35
CA GLU A 192 -19.58 -19.14 24.80
C GLU A 192 -19.72 -19.01 23.29
N THR A 193 -19.56 -17.78 22.81
CA THR A 193 -19.70 -17.54 21.39
C THR A 193 -18.50 -18.08 20.59
N ASP A 194 -17.29 -17.80 21.05
CA ASP A 194 -16.10 -18.23 20.33
C ASP A 194 -14.89 -18.10 21.23
N SER A 195 -14.07 -19.14 21.32
CA SER A 195 -12.89 -19.11 22.17
C SER A 195 -11.76 -18.22 21.66
N ASN A 196 -11.70 -18.02 20.35
CA ASN A 196 -10.65 -17.23 19.76
C ASN A 196 -10.85 -15.75 19.96
N ILE A 197 -12.06 -15.34 20.28
CA ILE A 197 -12.34 -13.93 20.48
C ILE A 197 -11.69 -13.45 21.76
N LEU A 198 -10.93 -12.36 21.67
CA LEU A 198 -10.27 -11.81 22.83
C LEU A 198 -11.20 -10.88 23.60
N VAL A 199 -11.20 -11.00 24.92
CA VAL A 199 -12.04 -10.14 25.75
C VAL A 199 -11.19 -9.04 26.36
N ALA A 200 -11.60 -7.80 26.13
CA ALA A 200 -10.86 -6.65 26.63
C ALA A 200 -11.69 -5.71 27.49
N LEU A 201 -11.04 -5.11 28.49
CA LEU A 201 -11.68 -4.14 29.38
C LEU A 201 -10.97 -2.82 29.07
N HIS A 202 -11.73 -1.74 28.94
CA HIS A 202 -11.18 -0.45 28.57
C HIS A 202 -11.18 0.62 29.68
N PHE A 203 -10.02 1.16 29.99
CA PHE A 203 -9.91 2.20 31.00
C PHE A 203 -9.16 3.41 30.47
N THR A 204 -9.26 4.53 31.19
CA THR A 204 -8.57 5.73 30.75
C THR A 204 -7.91 6.48 31.90
N ASN A 205 -7.20 7.56 31.57
CA ASN A 205 -6.49 8.35 32.56
C ASN A 205 -5.34 7.57 33.16
N PRO A 206 -4.37 7.17 32.33
CA PRO A 206 -3.21 6.41 32.81
C PRO A 206 -2.22 7.23 33.62
N GLU A 207 -2.35 8.56 33.56
CA GLU A 207 -1.45 9.43 34.31
C GLU A 207 -1.75 9.48 35.79
N THR A 208 -2.96 9.06 36.17
CA THR A 208 -3.34 9.06 37.57
C THR A 208 -2.45 8.09 38.32
N SER A 209 -1.72 8.59 39.32
CA SER A 209 -0.82 7.76 40.10
C SER A 209 -1.45 6.48 40.63
N GLY A 210 -0.88 5.33 40.21
CA GLY A 210 -1.36 4.03 40.66
C GLY A 210 -2.79 3.62 40.33
N ARG A 211 -3.40 4.34 39.39
CA ARG A 211 -4.77 4.07 38.97
C ARG A 211 -4.90 2.70 38.32
N TYR A 212 -4.12 2.46 37.27
CA TYR A 212 -4.19 1.16 36.60
C TYR A 212 -3.73 0.02 37.50
N ALA A 213 -2.75 0.28 38.35
CA ALA A 213 -2.28 -0.77 39.26
C ALA A 213 -3.42 -1.19 40.17
N TRP A 214 -4.19 -0.21 40.67
CA TRP A 214 -5.31 -0.51 41.55
C TRP A 214 -6.40 -1.29 40.83
N ILE A 215 -6.76 -0.83 39.63
CA ILE A 215 -7.79 -1.50 38.85
C ILE A 215 -7.39 -2.94 38.51
N ALA A 216 -6.16 -3.12 38.06
CA ALA A 216 -5.69 -4.46 37.72
C ALA A 216 -5.84 -5.40 38.92
N GLU A 217 -5.39 -4.94 40.09
CA GLU A 217 -5.48 -5.72 41.32
C GLU A 217 -6.94 -6.02 41.69
N THR A 218 -7.80 -5.02 41.60
CA THR A 218 -9.21 -5.17 41.91
C THR A 218 -9.86 -6.19 41.00
N LEU A 219 -9.58 -6.10 39.70
CA LEU A 219 -10.15 -7.04 38.74
C LEU A 219 -9.74 -8.46 39.12
N HIS A 220 -8.49 -8.61 39.54
CA HIS A 220 -7.98 -9.90 39.93
C HIS A 220 -8.63 -10.41 41.20
N ARG A 221 -8.83 -9.53 42.18
CA ARG A 221 -9.45 -9.93 43.45
C ARG A 221 -10.85 -10.48 43.23
N HIS A 222 -11.54 -10.01 42.18
CA HIS A 222 -12.89 -10.48 41.88
C HIS A 222 -12.96 -11.50 40.75
N HIS A 223 -11.82 -12.08 40.41
CA HIS A 223 -11.76 -13.10 39.39
C HIS A 223 -12.43 -12.71 38.08
N VAL A 224 -12.15 -11.51 37.58
CA VAL A 224 -12.76 -11.10 36.32
C VAL A 224 -11.99 -11.79 35.21
N ASP A 225 -12.72 -12.45 34.32
CA ASP A 225 -12.12 -13.16 33.21
C ASP A 225 -11.99 -12.31 31.96
N TYR A 226 -10.77 -11.83 31.69
CA TYR A 226 -10.51 -11.02 30.49
C TYR A 226 -9.10 -11.29 29.97
N ASP A 227 -8.84 -10.98 28.71
CA ASP A 227 -7.53 -11.22 28.13
C ASP A 227 -6.72 -9.96 27.87
N VAL A 228 -7.41 -8.89 27.50
CA VAL A 228 -6.74 -7.64 27.16
C VAL A 228 -7.10 -6.48 28.08
N PHE A 229 -6.07 -5.79 28.53
CA PHE A 229 -6.24 -4.62 29.36
C PHE A 229 -6.03 -3.42 28.43
N ALA A 230 -7.12 -2.81 27.99
CA ALA A 230 -7.02 -1.70 27.06
C ALA A 230 -7.02 -0.35 27.75
N SER A 231 -6.42 0.63 27.07
CA SER A 231 -6.34 1.97 27.61
C SER A 231 -6.51 3.04 26.52
N SER A 232 -7.05 4.18 26.91
CA SER A 232 -7.19 5.29 25.99
C SER A 232 -5.91 6.08 26.14
N TYR A 233 -5.56 6.83 25.11
CA TYR A 233 -4.40 7.67 25.20
C TYR A 233 -4.46 8.90 24.31
N TYR A 234 -4.70 10.02 24.97
CA TYR A 234 -4.77 11.32 24.31
C TYR A 234 -3.72 12.17 24.98
N PRO A 235 -2.61 12.41 24.28
CA PRO A 235 -1.49 13.21 24.78
C PRO A 235 -1.89 14.55 25.36
N PHE A 236 -3.05 15.07 24.95
CA PHE A 236 -3.53 16.36 25.45
C PHE A 236 -3.67 16.33 26.98
N TRP A 237 -4.04 15.20 27.56
CA TRP A 237 -4.23 15.14 29.01
C TRP A 237 -3.65 13.92 29.73
N HIS A 238 -3.34 12.88 28.98
CA HIS A 238 -2.89 11.65 29.58
C HIS A 238 -1.42 11.41 29.84
N GLY A 239 -0.71 12.45 30.25
CA GLY A 239 0.69 12.28 30.57
C GLY A 239 1.60 11.84 29.45
N THR A 240 2.82 11.52 29.85
CA THR A 240 3.86 11.11 28.94
C THR A 240 3.77 9.69 28.38
N LEU A 241 4.42 9.47 27.25
CA LEU A 241 4.41 8.17 26.63
C LEU A 241 5.24 7.22 27.48
N LYS A 242 6.21 7.76 28.21
CA LYS A 242 7.05 6.92 29.06
C LYS A 242 6.24 6.31 30.20
N ASN A 243 5.26 7.08 30.67
CA ASN A 243 4.39 6.64 31.75
C ASN A 243 3.45 5.54 31.25
N LEU A 244 2.86 5.81 30.09
CA LEU A 244 1.95 4.87 29.47
C LEU A 244 2.62 3.51 29.36
N THR A 245 3.80 3.49 28.74
CA THR A 245 4.53 2.26 28.55
C THR A 245 4.77 1.56 29.87
N SER A 246 5.21 2.35 30.85
CA SER A 246 5.53 1.85 32.16
C SER A 246 4.32 1.26 32.88
N VAL A 247 3.28 2.06 33.02
CA VAL A 247 2.08 1.63 33.72
C VAL A 247 1.44 0.37 33.10
N LEU A 248 1.48 0.29 31.76
CA LEU A 248 0.92 -0.86 31.06
C LEU A 248 1.82 -2.10 31.24
N THR A 249 3.14 -1.88 31.28
CA THR A 249 4.04 -2.99 31.42
C THR A 249 3.79 -3.68 32.75
N SER A 250 3.42 -2.89 33.76
CA SER A 250 3.15 -3.44 35.10
C SER A 250 1.97 -4.39 35.03
N VAL A 251 0.88 -3.93 34.42
CA VAL A 251 -0.31 -4.74 34.30
C VAL A 251 0.06 -6.05 33.60
N ALA A 252 0.80 -5.94 32.51
CA ALA A 252 1.21 -7.12 31.76
C ALA A 252 2.06 -8.06 32.59
N ASP A 253 3.16 -7.56 33.13
CA ASP A 253 4.05 -8.40 33.92
C ASP A 253 3.40 -9.01 35.15
N THR A 254 2.64 -8.21 35.88
CA THR A 254 2.02 -8.69 37.10
C THR A 254 0.82 -9.60 36.91
N TYR A 255 0.00 -9.34 35.90
CA TYR A 255 -1.18 -10.16 35.71
C TYR A 255 -1.21 -10.97 34.43
N GLY A 256 -0.11 -10.91 33.70
CA GLY A 256 -0.03 -11.65 32.46
C GLY A 256 -1.14 -11.36 31.48
N LYS A 257 -1.49 -10.09 31.31
CA LYS A 257 -2.53 -9.74 30.36
C LYS A 257 -1.88 -9.05 29.17
N LYS A 258 -2.57 -9.06 28.04
CA LYS A 258 -2.07 -8.37 26.86
C LYS A 258 -2.50 -6.93 27.13
N VAL A 259 -1.82 -5.97 26.54
CA VAL A 259 -2.20 -4.58 26.73
C VAL A 259 -2.33 -3.93 25.36
N MET A 260 -2.96 -2.76 25.32
CA MET A 260 -3.11 -2.05 24.04
C MET A 260 -3.76 -0.70 24.26
N VAL A 261 -3.73 0.12 23.22
CA VAL A 261 -4.36 1.42 23.28
C VAL A 261 -5.62 1.32 22.39
N ALA A 262 -6.77 1.47 23.03
CA ALA A 262 -8.06 1.38 22.33
C ALA A 262 -8.46 2.67 21.60
N GLU A 263 -8.01 3.80 22.13
CA GLU A 263 -8.32 5.10 21.56
C GLU A 263 -7.14 6.04 21.59
N THR A 264 -6.97 6.81 20.53
CA THR A 264 -5.89 7.78 20.45
C THR A 264 -6.12 8.61 19.20
N SER A 265 -5.52 9.79 19.15
CA SER A 265 -5.63 10.67 17.99
C SER A 265 -4.74 11.87 18.22
N TYR A 266 -4.76 12.78 17.25
CA TYR A 266 -3.99 14.01 17.36
C TYR A 266 -4.48 14.98 16.31
N THR A 267 -4.26 16.27 16.58
CA THR A 267 -4.66 17.35 15.70
C THR A 267 -3.65 17.61 14.59
N TYR A 268 -4.14 17.70 13.36
CA TYR A 268 -3.27 17.98 12.22
C TYR A 268 -3.44 19.43 11.78
N THR A 269 -4.44 20.09 12.36
CA THR A 269 -4.71 21.48 12.04
C THR A 269 -5.43 22.14 13.21
N ALA A 270 -5.28 23.45 13.36
CA ALA A 270 -5.94 24.14 14.45
C ALA A 270 -7.29 24.61 13.96
N GLU A 271 -7.52 24.51 12.66
CA GLU A 271 -8.78 24.95 12.09
C GLU A 271 -9.97 24.02 12.30
N ASP A 272 -11.16 24.59 12.41
CA ASP A 272 -12.38 23.80 12.58
C ASP A 272 -13.23 24.01 11.33
N GLY A 273 -13.26 23.02 10.43
CA GLY A 273 -14.00 23.20 9.18
C GLY A 273 -15.42 22.71 9.18
N ASP A 274 -15.98 22.61 10.37
CA ASP A 274 -17.32 22.08 10.54
C ASP A 274 -18.27 23.13 11.11
N GLY A 275 -17.75 24.02 11.94
CA GLY A 275 -18.60 25.04 12.50
C GLY A 275 -18.88 24.81 13.97
N HIS A 276 -18.76 23.55 14.39
CA HIS A 276 -18.96 23.17 15.79
C HIS A 276 -17.59 23.11 16.46
N GLY A 277 -17.40 23.91 17.51
CA GLY A 277 -16.13 23.93 18.20
C GLY A 277 -15.47 22.59 18.46
N ASN A 278 -14.18 22.50 18.17
CA ASN A 278 -13.41 21.27 18.36
C ASN A 278 -12.81 21.10 19.76
N THR A 279 -12.55 19.85 20.11
CA THR A 279 -11.99 19.52 21.40
C THR A 279 -10.56 20.01 21.57
N ALA A 280 -9.77 19.93 20.49
CA ALA A 280 -8.38 20.35 20.54
C ALA A 280 -7.99 21.04 19.23
N PRO A 281 -6.94 21.85 19.25
CA PRO A 281 -6.12 22.18 20.42
C PRO A 281 -6.72 23.32 21.23
N LYS A 282 -6.31 23.42 22.48
CA LYS A 282 -6.79 24.46 23.38
C LYS A 282 -5.72 24.77 24.41
N ASN A 283 -5.87 25.88 25.11
CA ASN A 283 -4.90 26.27 26.14
C ASN A 283 -4.95 25.29 27.30
N GLY A 284 -3.79 25.01 27.88
CA GLY A 284 -3.73 24.10 29.01
C GLY A 284 -3.52 22.67 28.58
N GLN A 285 -3.74 22.39 27.29
CA GLN A 285 -3.53 21.04 26.78
C GLN A 285 -2.07 20.89 26.39
N THR A 286 -1.55 19.69 26.55
CA THR A 286 -0.17 19.39 26.23
C THR A 286 -0.02 19.10 24.74
N LEU A 287 0.82 19.86 24.06
CA LEU A 287 1.02 19.62 22.64
C LEU A 287 2.48 19.38 22.36
N ASN A 288 2.93 18.16 22.57
CA ASN A 288 4.33 17.84 22.34
C ASN A 288 4.72 17.86 20.88
N ASN A 289 3.75 17.66 20.01
CA ASN A 289 4.04 17.70 18.58
C ASN A 289 3.37 18.89 17.94
N PRO A 290 3.94 19.37 16.83
CA PRO A 290 3.34 20.52 16.15
C PRO A 290 1.96 20.14 15.60
N VAL A 291 1.05 21.10 15.62
CA VAL A 291 -0.30 20.87 15.12
C VAL A 291 -0.22 20.97 13.60
N THR A 292 0.28 19.89 12.99
CA THR A 292 0.43 19.81 11.55
C THR A 292 0.31 18.34 11.16
N VAL A 293 0.23 18.07 9.86
CA VAL A 293 0.11 16.72 9.38
C VAL A 293 1.32 15.88 9.82
N GLN A 294 2.50 16.47 9.78
CA GLN A 294 3.71 15.76 10.22
C GLN A 294 3.67 15.51 11.72
N GLY A 295 3.15 16.49 12.46
CA GLY A 295 3.03 16.34 13.90
C GLY A 295 2.12 15.18 14.23
N GLN A 296 0.94 15.19 13.62
CA GLN A 296 -0.04 14.14 13.84
C GLN A 296 0.60 12.79 13.54
N ALA A 297 1.34 12.69 12.45
CA ALA A 297 1.98 11.42 12.12
C ALA A 297 2.96 11.02 13.23
N ASN A 298 3.72 11.99 13.73
CA ASN A 298 4.68 11.72 14.80
C ASN A 298 3.96 11.15 16.01
N ALA A 299 2.87 11.82 16.39
CA ALA A 299 2.07 11.43 17.53
C ALA A 299 1.70 9.95 17.45
N VAL A 300 1.08 9.55 16.33
CA VAL A 300 0.65 8.17 16.12
C VAL A 300 1.84 7.20 16.13
N ARG A 301 2.89 7.58 15.43
CA ARG A 301 4.08 6.75 15.36
C ARG A 301 4.68 6.52 16.76
N ASP A 302 4.60 7.52 17.63
CA ASP A 302 5.13 7.39 18.97
C ASP A 302 4.30 6.55 19.90
N VAL A 303 2.99 6.54 19.70
CA VAL A 303 2.13 5.74 20.55
C VAL A 303 2.40 4.26 20.20
N ILE A 304 2.54 4.00 18.90
CA ILE A 304 2.81 2.66 18.44
C ILE A 304 4.12 2.20 19.07
N GLN A 305 5.11 3.08 19.08
CA GLN A 305 6.39 2.76 19.67
C GLN A 305 6.21 2.44 21.15
N ALA A 306 5.48 3.30 21.86
CA ALA A 306 5.22 3.14 23.30
C ALA A 306 4.54 1.82 23.66
N VAL A 307 3.59 1.40 22.85
CA VAL A 307 2.89 0.14 23.08
C VAL A 307 3.80 -1.01 22.74
N SER A 308 4.61 -0.83 21.70
CA SER A 308 5.52 -1.86 21.25
C SER A 308 6.62 -2.09 22.27
N ASP A 309 7.04 -1.02 22.94
CA ASP A 309 8.09 -1.14 23.94
C ASP A 309 7.66 -1.92 25.17
N VAL A 310 6.37 -2.24 25.24
CA VAL A 310 5.86 -2.99 26.37
C VAL A 310 6.37 -4.42 26.25
N GLY A 311 6.67 -4.82 25.02
CA GLY A 311 7.15 -6.16 24.75
C GLY A 311 6.07 -7.04 24.14
N GLU A 312 6.18 -8.34 24.38
CA GLU A 312 5.24 -9.32 23.88
C GLU A 312 3.78 -8.94 24.17
N ALA A 313 3.52 -8.33 25.32
CA ALA A 313 2.16 -7.95 25.72
C ALA A 313 1.49 -6.86 24.91
N GLY A 314 2.27 -5.92 24.38
CA GLY A 314 1.71 -4.83 23.58
C GLY A 314 1.23 -5.38 22.25
N ILE A 315 -0.09 -5.47 22.06
CA ILE A 315 -0.63 -6.04 20.85
C ILE A 315 -1.07 -5.07 19.78
N GLY A 316 -1.34 -3.83 20.15
CA GLY A 316 -1.77 -2.89 19.13
C GLY A 316 -2.22 -1.51 19.57
N VAL A 317 -2.57 -0.69 18.58
CA VAL A 317 -3.03 0.67 18.81
C VAL A 317 -4.25 0.94 17.93
N PHE A 318 -5.20 1.71 18.45
CA PHE A 318 -6.41 2.03 17.69
C PHE A 318 -6.56 3.54 17.55
N TYR A 319 -6.61 4.02 16.32
CA TYR A 319 -6.81 5.46 16.12
C TYR A 319 -8.30 5.72 16.23
N TRP A 320 -8.71 6.69 17.03
CA TRP A 320 -10.13 6.98 17.21
C TRP A 320 -10.70 7.96 16.23
N GLU A 321 -11.74 7.53 15.51
CA GLU A 321 -12.44 8.39 14.56
C GLU A 321 -11.53 9.19 13.62
N PRO A 322 -10.86 8.51 12.67
CA PRO A 322 -9.98 9.24 11.77
C PRO A 322 -10.72 9.81 10.58
N ALA A 323 -12.03 9.62 10.53
CA ALA A 323 -12.79 10.13 9.40
C ALA A 323 -14.08 10.85 9.77
N TRP A 324 -14.08 11.48 10.96
CA TRP A 324 -15.27 12.21 11.39
C TRP A 324 -15.16 13.64 10.85
N ILE A 325 -15.06 13.73 9.54
CA ILE A 325 -14.94 15.01 8.87
C ILE A 325 -16.27 15.76 8.80
N PRO A 326 -16.21 17.07 8.50
CA PRO A 326 -17.41 17.92 8.40
C PRO A 326 -18.40 17.58 7.32
N VAL A 327 -19.68 17.79 7.59
CA VAL A 327 -20.74 17.51 6.62
C VAL A 327 -20.91 18.68 5.67
N GLY A 328 -20.26 19.79 5.99
CA GLY A 328 -20.33 20.98 5.17
C GLY A 328 -19.46 22.07 5.77
N PRO A 329 -19.10 23.12 4.99
CA PRO A 329 -18.25 24.23 5.43
C PRO A 329 -18.74 24.89 6.71
N ALA A 330 -17.80 25.43 7.47
CA ALA A 330 -18.11 26.07 8.73
C ALA A 330 -19.09 27.22 8.58
N HIS A 331 -19.06 27.87 7.42
CA HIS A 331 -19.94 29.02 7.20
C HIS A 331 -21.36 28.62 6.81
N ARG A 332 -21.71 27.36 6.97
CA ARG A 332 -23.06 26.91 6.66
C ARG A 332 -23.69 26.35 7.91
N LEU A 333 -23.20 26.76 9.07
CA LEU A 333 -23.69 26.27 10.35
C LEU A 333 -25.16 25.89 10.33
N GLU A 334 -26.01 26.84 9.95
CA GLU A 334 -27.44 26.59 9.91
C GLU A 334 -27.86 25.40 9.04
N LYS A 335 -27.23 25.26 7.89
CA LYS A 335 -27.58 24.15 7.03
C LYS A 335 -26.99 22.84 7.55
N ASN A 336 -25.89 22.92 8.28
CA ASN A 336 -25.25 21.74 8.84
C ASN A 336 -26.06 21.22 10.00
N LYS A 337 -26.52 22.15 10.85
CA LYS A 337 -27.31 21.79 12.02
C LYS A 337 -28.45 20.87 11.62
N ALA A 338 -28.99 21.12 10.42
CA ALA A 338 -30.09 20.32 9.91
C ALA A 338 -29.64 18.87 9.75
N LEU A 339 -28.51 18.69 9.08
CA LEU A 339 -27.96 17.36 8.84
C LEU A 339 -27.61 16.67 10.15
N TRP A 340 -26.85 17.34 11.01
CA TRP A 340 -26.46 16.76 12.29
C TRP A 340 -27.69 16.21 13.01
N GLU A 341 -28.77 16.98 12.97
CA GLU A 341 -30.00 16.63 13.65
C GLU A 341 -30.76 15.49 12.98
N THR A 342 -30.81 15.52 11.66
CA THR A 342 -31.54 14.48 10.94
C THR A 342 -30.83 13.13 10.94
N TYR A 343 -29.53 13.12 10.62
CA TYR A 343 -28.80 11.87 10.55
C TYR A 343 -27.91 11.55 11.73
N GLY A 344 -27.86 12.44 12.71
CA GLY A 344 -27.01 12.20 13.87
C GLY A 344 -25.54 12.09 13.47
N SER A 345 -25.14 12.90 12.50
CA SER A 345 -23.77 12.89 12.01
C SER A 345 -22.90 13.81 12.84
N GLY A 346 -23.45 14.31 13.94
CA GLY A 346 -22.71 15.18 14.85
C GLY A 346 -22.37 14.35 16.08
N TRP A 347 -21.84 14.98 17.12
CA TRP A 347 -21.49 14.23 18.32
C TRP A 347 -22.72 13.95 19.15
N ALA A 348 -23.76 14.76 18.96
CA ALA A 348 -25.01 14.61 19.68
C ALA A 348 -26.11 15.48 19.04
N THR A 349 -27.36 15.04 19.18
CA THR A 349 -28.50 15.79 18.65
C THR A 349 -29.25 16.29 19.85
N SER A 350 -30.16 17.23 19.63
CA SER A 350 -30.95 17.79 20.72
C SER A 350 -31.79 16.68 21.37
N TYR A 351 -32.17 15.68 20.59
CA TYR A 351 -32.98 14.58 21.11
C TYR A 351 -32.29 13.78 22.23
N ALA A 352 -30.98 13.95 22.35
CA ALA A 352 -30.23 13.25 23.37
C ALA A 352 -30.45 13.88 24.74
N ALA A 353 -31.13 15.02 24.78
CA ALA A 353 -31.37 15.69 26.06
C ALA A 353 -32.13 14.80 27.03
N GLU A 354 -33.01 13.95 26.50
CA GLU A 354 -33.79 13.06 27.37
C GLU A 354 -32.90 12.09 28.14
N TYR A 355 -31.75 11.74 27.57
CA TYR A 355 -30.83 10.79 28.20
C TYR A 355 -29.66 11.45 28.93
N ASP A 356 -29.19 12.58 28.38
CA ASP A 356 -28.08 13.31 28.97
C ASP A 356 -28.42 14.79 28.87
N PRO A 357 -29.16 15.33 29.85
CA PRO A 357 -29.54 16.73 29.85
C PRO A 357 -28.36 17.64 30.18
N GLU A 358 -27.38 17.06 30.85
CA GLU A 358 -26.18 17.79 31.26
C GLU A 358 -25.36 18.29 30.08
N ASP A 359 -24.64 17.37 29.44
CA ASP A 359 -23.78 17.70 28.29
C ASP A 359 -24.53 17.81 26.97
N ALA A 360 -24.71 16.68 26.31
CA ALA A 360 -25.39 16.64 25.03
C ALA A 360 -26.69 17.43 25.08
N GLY A 361 -27.24 17.58 26.28
CA GLY A 361 -28.47 18.31 26.45
C GLY A 361 -28.43 19.72 25.91
N LYS A 362 -27.39 20.46 26.26
CA LYS A 362 -27.28 21.82 25.78
C LYS A 362 -25.93 22.16 25.17
N TRP A 363 -25.32 21.17 24.54
CA TRP A 363 -24.03 21.33 23.88
C TRP A 363 -24.02 20.48 22.61
N PHE A 364 -25.20 19.98 22.23
CA PHE A 364 -25.32 19.16 21.04
C PHE A 364 -24.92 19.96 19.80
N GLY A 365 -24.38 19.25 18.81
CA GLY A 365 -23.97 19.92 17.60
C GLY A 365 -23.29 18.99 16.62
N GLY A 366 -22.26 19.48 15.96
CA GLY A 366 -21.55 18.68 14.99
C GLY A 366 -20.34 17.92 15.49
N SER A 367 -19.32 17.82 14.64
CA SER A 367 -18.08 17.12 14.96
C SER A 367 -17.13 17.98 15.76
N ALA A 368 -16.46 17.36 16.73
CA ALA A 368 -15.51 18.09 17.56
C ALA A 368 -14.10 17.59 17.32
N VAL A 369 -13.99 16.68 16.36
CA VAL A 369 -12.70 16.07 16.06
C VAL A 369 -12.40 16.04 14.56
N ASP A 370 -13.02 16.94 13.80
CA ASP A 370 -12.74 16.96 12.36
C ASP A 370 -11.29 17.35 12.06
N ASN A 371 -10.65 18.05 12.99
CA ASN A 371 -9.28 18.46 12.82
C ASN A 371 -8.31 17.43 13.39
N GLN A 372 -8.83 16.25 13.68
CA GLN A 372 -8.02 15.17 14.20
C GLN A 372 -8.16 13.94 13.31
N ALA A 373 -8.73 14.14 12.12
CA ALA A 373 -8.91 13.05 11.18
C ALA A 373 -7.67 12.80 10.31
N LEU A 374 -7.69 11.70 9.56
CA LEU A 374 -6.59 11.38 8.65
C LEU A 374 -7.01 11.72 7.22
N PHE A 375 -8.18 12.35 7.11
CA PHE A 375 -8.73 12.80 5.84
C PHE A 375 -8.98 14.29 6.02
N ASP A 376 -8.92 15.07 4.95
CA ASP A 376 -9.17 16.50 5.06
C ASP A 376 -10.66 16.78 5.07
N PHE A 377 -11.00 18.06 5.21
CA PHE A 377 -12.38 18.52 5.26
C PHE A 377 -13.19 18.13 4.02
N LYS A 378 -12.48 17.88 2.93
CA LYS A 378 -13.11 17.51 1.65
C LYS A 378 -13.22 15.99 1.46
N GLY A 379 -12.80 15.24 2.46
CA GLY A 379 -12.89 13.79 2.38
C GLY A 379 -11.72 13.12 1.70
N ARG A 380 -10.68 13.89 1.42
CA ARG A 380 -9.49 13.35 0.78
C ARG A 380 -8.47 12.98 1.86
N PRO A 381 -7.79 11.84 1.70
CA PRO A 381 -6.79 11.33 2.64
C PRO A 381 -5.56 12.19 2.76
N LEU A 382 -5.09 12.37 4.01
CA LEU A 382 -3.89 13.17 4.27
C LEU A 382 -2.70 12.22 4.22
N PRO A 383 -1.50 12.74 3.95
CA PRO A 383 -0.34 11.85 3.89
C PRO A 383 -0.05 11.12 5.20
N SER A 384 -0.57 11.64 6.30
CA SER A 384 -0.38 11.03 7.62
C SER A 384 -1.11 9.69 7.74
N LEU A 385 -1.91 9.35 6.73
CA LEU A 385 -2.64 8.10 6.75
C LEU A 385 -1.67 6.94 6.50
N HIS A 386 -0.55 7.23 5.86
CA HIS A 386 0.45 6.21 5.55
C HIS A 386 1.30 5.86 6.74
N VAL A 387 0.99 6.45 7.88
CA VAL A 387 1.78 6.16 9.06
C VAL A 387 1.72 4.67 9.39
N PHE A 388 0.56 4.04 9.16
CA PHE A 388 0.42 2.63 9.48
C PHE A 388 1.35 1.68 8.73
N GLN A 389 1.89 2.14 7.61
CA GLN A 389 2.81 1.32 6.84
C GLN A 389 4.24 1.69 7.17
N TYR A 390 4.51 2.99 7.18
CA TYR A 390 5.85 3.48 7.47
C TYR A 390 6.48 3.02 8.78
N VAL A 391 5.67 2.85 9.82
CA VAL A 391 6.22 2.40 11.10
C VAL A 391 6.95 1.07 10.93
N ASP A 392 6.55 0.30 9.93
CA ASP A 392 7.17 -0.99 9.67
C ASP A 392 8.55 -0.86 9.06
N THR A 393 8.67 -0.04 8.02
CA THR A 393 9.94 0.14 7.32
C THR A 393 10.54 1.49 7.55
N GLY A 394 9.72 2.52 7.41
CA GLY A 394 10.20 3.87 7.58
C GLY A 394 10.01 4.56 6.24
N THR A 395 10.46 5.80 6.13
CA THR A 395 10.32 6.52 4.89
C THR A 395 11.66 6.68 4.18
N PRO A 396 11.72 6.33 2.88
CA PRO A 396 12.94 6.43 2.06
C PRO A 396 13.52 7.85 2.03
N GLY B 11 -5.95 -22.78 -29.84
CA GLY B 11 -5.04 -23.63 -30.66
C GLY B 11 -3.70 -23.00 -31.00
N LEU B 12 -2.80 -22.95 -30.01
CA LEU B 12 -1.46 -22.39 -30.16
C LEU B 12 -0.38 -23.48 -30.12
N TYR B 13 0.55 -23.45 -31.06
CA TYR B 13 1.60 -24.44 -31.09
C TYR B 13 2.96 -23.86 -30.75
N VAL B 14 3.72 -24.62 -29.99
CA VAL B 14 5.04 -24.18 -29.58
C VAL B 14 5.92 -25.41 -29.47
N GLU B 15 6.95 -25.47 -30.30
CA GLU B 15 7.85 -26.60 -30.29
C GLU B 15 8.79 -26.52 -29.10
N LYS B 16 8.82 -27.60 -28.32
CA LYS B 16 9.66 -27.68 -27.13
C LYS B 16 11.05 -27.19 -27.42
N VAL B 17 11.58 -26.35 -26.52
CA VAL B 17 12.92 -25.83 -26.67
C VAL B 17 13.86 -26.94 -26.23
N SER B 18 14.66 -27.42 -27.16
CA SER B 18 15.60 -28.50 -26.87
C SER B 18 16.75 -28.08 -25.97
N GLY B 19 16.88 -28.78 -24.85
CA GLY B 19 17.97 -28.51 -23.92
C GLY B 19 17.74 -27.39 -22.94
N LEU B 20 16.51 -26.90 -22.87
CA LEU B 20 16.20 -25.81 -21.96
C LEU B 20 16.39 -26.26 -20.52
N ARG B 21 17.18 -25.50 -19.77
CA ARG B 21 17.47 -25.78 -18.37
C ARG B 21 16.25 -25.52 -17.51
N LYS B 22 16.09 -26.29 -16.44
CA LYS B 22 14.94 -26.15 -15.55
C LYS B 22 14.84 -24.83 -14.81
N ASP B 23 15.97 -24.23 -14.46
CA ASP B 23 15.98 -22.96 -13.73
C ASP B 23 16.16 -21.74 -14.65
N PHE B 24 15.81 -21.91 -15.92
CA PHE B 24 15.92 -20.84 -16.88
C PHE B 24 14.98 -19.73 -16.43
N ILE B 25 15.49 -18.49 -16.42
CA ILE B 25 14.64 -17.40 -15.99
C ILE B 25 13.75 -16.86 -17.10
N LYS B 26 12.46 -16.85 -16.80
CA LYS B 26 11.45 -16.39 -17.73
C LYS B 26 10.82 -15.13 -17.13
N GLY B 27 11.33 -13.97 -17.54
CA GLY B 27 10.81 -12.75 -16.98
C GLY B 27 10.08 -11.79 -17.90
N VAL B 28 9.42 -10.81 -17.29
CA VAL B 28 8.70 -9.81 -18.05
C VAL B 28 8.96 -8.48 -17.35
N ASP B 29 8.84 -7.39 -18.11
CA ASP B 29 9.04 -6.06 -17.58
C ASP B 29 7.69 -5.37 -17.71
N VAL B 30 7.01 -5.19 -16.58
CA VAL B 30 5.70 -4.55 -16.57
C VAL B 30 5.76 -3.22 -15.84
N SER B 31 6.84 -2.48 -16.06
CA SER B 31 7.05 -1.19 -15.42
C SER B 31 5.88 -0.21 -15.46
N SER B 32 5.15 -0.21 -16.57
CA SER B 32 4.03 0.70 -16.75
C SER B 32 2.75 0.25 -16.06
N ILE B 33 2.76 -0.94 -15.46
CA ILE B 33 1.56 -1.46 -14.82
C ILE B 33 0.86 -0.51 -13.83
N ILE B 34 1.65 0.20 -13.03
CA ILE B 34 1.08 1.12 -12.04
C ILE B 34 0.38 2.30 -12.68
N ALA B 35 1.01 2.92 -13.66
CA ALA B 35 0.40 4.06 -14.33
C ALA B 35 -0.89 3.64 -15.02
N LEU B 36 -0.86 2.48 -15.67
CA LEU B 36 -2.03 1.98 -16.38
C LEU B 36 -3.18 1.70 -15.42
N GLU B 37 -2.87 1.14 -14.27
CA GLU B 37 -3.88 0.84 -13.28
C GLU B 37 -4.57 2.11 -12.81
N GLU B 38 -3.79 3.17 -12.58
CA GLU B 38 -4.37 4.44 -12.14
C GLU B 38 -5.18 5.09 -13.23
N SER B 39 -4.98 4.63 -14.45
CA SER B 39 -5.70 5.20 -15.57
C SER B 39 -7.04 4.47 -15.78
N GLY B 40 -7.29 3.46 -14.95
CA GLY B 40 -8.53 2.73 -15.05
C GLY B 40 -8.45 1.42 -15.81
N VAL B 41 -7.29 1.11 -16.36
CA VAL B 41 -7.10 -0.13 -17.11
C VAL B 41 -7.17 -1.31 -16.17
N ALA B 42 -7.80 -2.40 -16.61
CA ALA B 42 -7.94 -3.61 -15.80
C ALA B 42 -7.53 -4.84 -16.59
N PHE B 43 -7.02 -5.86 -15.90
CA PHE B 43 -6.59 -7.08 -16.55
C PHE B 43 -7.39 -8.27 -16.05
N TYR B 44 -7.62 -9.24 -16.93
CA TYR B 44 -8.39 -10.42 -16.59
C TYR B 44 -7.54 -11.66 -16.79
N ASN B 45 -8.17 -12.83 -16.66
CA ASN B 45 -7.49 -14.10 -16.84
C ASN B 45 -8.22 -14.92 -17.89
N GLU B 46 -7.74 -16.14 -18.12
CA GLU B 46 -8.35 -17.02 -19.10
C GLU B 46 -9.88 -17.00 -19.01
N SER B 47 -10.38 -17.28 -17.81
CA SER B 47 -11.81 -17.32 -17.54
C SER B 47 -12.56 -16.06 -17.92
N GLY B 48 -11.88 -14.91 -17.86
CA GLY B 48 -12.53 -13.66 -18.19
C GLY B 48 -12.84 -12.83 -16.97
N LYS B 49 -12.41 -13.32 -15.82
CA LYS B 49 -12.63 -12.62 -14.56
C LYS B 49 -11.50 -11.64 -14.23
N LYS B 50 -11.86 -10.50 -13.65
CA LYS B 50 -10.89 -9.50 -13.28
C LYS B 50 -9.91 -10.16 -12.31
N GLN B 51 -8.61 -9.99 -12.53
CA GLN B 51 -7.58 -10.58 -11.65
C GLN B 51 -6.26 -9.81 -11.73
N ASP B 52 -5.50 -9.80 -10.63
CA ASP B 52 -4.22 -9.10 -10.60
C ASP B 52 -3.31 -9.67 -11.66
N ILE B 53 -2.75 -8.81 -12.49
CA ILE B 53 -1.87 -9.27 -13.56
C ILE B 53 -0.72 -10.12 -13.03
N PHE B 54 -0.20 -9.75 -11.87
CA PHE B 54 0.90 -10.51 -11.30
C PHE B 54 0.52 -11.96 -11.01
N LYS B 55 -0.72 -12.19 -10.58
CA LYS B 55 -1.15 -13.55 -10.31
C LYS B 55 -1.24 -14.29 -11.64
N THR B 56 -1.71 -13.58 -12.67
CA THR B 56 -1.84 -14.14 -14.01
C THR B 56 -0.48 -14.49 -14.59
N LEU B 57 0.49 -13.60 -14.37
CA LEU B 57 1.84 -13.81 -14.86
C LEU B 57 2.45 -15.04 -14.22
N LYS B 58 2.16 -15.24 -12.93
CA LYS B 58 2.68 -16.39 -12.20
C LYS B 58 2.13 -17.70 -12.79
N GLU B 59 0.82 -17.78 -12.96
CA GLU B 59 0.16 -18.95 -13.52
C GLU B 59 0.65 -19.23 -14.95
N ALA B 60 1.21 -18.20 -15.58
CA ALA B 60 1.71 -18.30 -16.95
C ALA B 60 3.12 -18.87 -17.01
N GLY B 61 3.74 -19.01 -15.84
CA GLY B 61 5.10 -19.56 -15.80
C GLY B 61 6.22 -18.55 -15.59
N VAL B 62 5.87 -17.27 -15.49
CA VAL B 62 6.85 -16.20 -15.28
C VAL B 62 7.43 -16.29 -13.85
N ASN B 63 8.73 -16.15 -13.73
CA ASN B 63 9.38 -16.24 -12.42
C ASN B 63 10.26 -15.03 -12.11
N TYR B 64 10.22 -14.05 -12.99
CA TYR B 64 11.05 -12.88 -12.81
C TYR B 64 10.33 -11.65 -13.30
N VAL B 65 10.60 -10.51 -12.70
CA VAL B 65 9.97 -9.27 -13.10
C VAL B 65 11.01 -8.18 -13.14
N ARG B 66 11.04 -7.44 -14.25
CA ARG B 66 12.01 -6.34 -14.42
C ARG B 66 11.28 -5.02 -14.26
N VAL B 67 11.95 -4.04 -13.66
CA VAL B 67 11.34 -2.73 -13.48
C VAL B 67 12.37 -1.65 -13.69
N ARG B 68 12.05 -0.69 -14.55
CA ARG B 68 12.98 0.41 -14.79
C ARG B 68 12.82 1.39 -13.65
N ILE B 69 13.91 2.05 -13.30
CA ILE B 69 13.88 3.02 -12.22
C ILE B 69 14.57 4.30 -12.64
N TRP B 70 13.83 5.40 -12.57
CA TRP B 70 14.37 6.71 -12.90
C TRP B 70 14.51 7.47 -11.60
N ASN B 71 15.52 8.34 -11.52
CA ASN B 71 15.74 9.11 -10.30
C ASN B 71 14.60 10.06 -9.98
N ASP B 72 14.37 11.03 -10.87
CA ASP B 72 13.34 12.03 -10.69
C ASP B 72 12.56 12.28 -11.99
N PRO B 73 11.65 11.35 -12.34
CA PRO B 73 10.85 11.46 -13.57
C PRO B 73 9.75 12.52 -13.49
N TYR B 74 10.03 13.65 -12.84
CA TYR B 74 9.02 14.69 -12.74
C TYR B 74 9.63 16.08 -12.95
N ASP B 75 8.79 17.05 -13.32
CA ASP B 75 9.28 18.41 -13.50
C ASP B 75 9.30 19.11 -12.15
N ALA B 76 9.65 20.38 -12.13
CA ALA B 76 9.72 21.12 -10.88
C ALA B 76 8.40 21.12 -10.09
N ASN B 77 7.28 21.03 -10.81
CA ASN B 77 5.95 21.05 -10.21
C ASN B 77 5.46 19.70 -9.70
N GLY B 78 6.06 18.63 -10.21
CA GLY B 78 5.65 17.31 -9.79
C GLY B 78 4.87 16.58 -10.87
N ASN B 79 4.96 17.06 -12.11
CA ASN B 79 4.28 16.42 -13.23
C ASN B 79 5.17 15.36 -13.88
N GLY B 80 4.72 14.10 -13.80
CA GLY B 80 5.48 12.99 -14.37
C GLY B 80 5.78 13.16 -15.85
N TYR B 81 6.98 12.72 -16.23
CA TYR B 81 7.43 12.79 -17.63
C TYR B 81 6.71 11.74 -18.46
N GLY B 82 6.01 10.83 -17.79
CA GLY B 82 5.30 9.78 -18.48
C GLY B 82 6.12 8.49 -18.53
N GLY B 83 5.81 7.63 -19.50
CA GLY B 83 6.53 6.39 -19.60
C GLY B 83 6.34 5.52 -18.38
N GLY B 84 5.35 5.87 -17.55
CA GLY B 84 5.09 5.07 -16.36
C GLY B 84 5.47 5.78 -15.07
N ASN B 85 6.15 6.92 -15.21
CA ASN B 85 6.60 7.69 -14.06
C ASN B 85 7.28 6.76 -13.05
N ASN B 86 8.18 5.92 -13.54
CA ASN B 86 8.86 4.96 -12.68
C ASN B 86 9.95 5.51 -11.79
N ASP B 87 9.70 5.42 -10.49
CA ASP B 87 10.65 5.89 -9.52
C ASP B 87 10.82 4.80 -8.48
N LEU B 88 11.63 5.05 -7.47
CA LEU B 88 11.86 4.05 -6.44
C LEU B 88 10.54 3.62 -5.79
N GLU B 89 9.60 4.55 -5.63
CA GLU B 89 8.33 4.20 -5.00
C GLU B 89 7.57 3.16 -5.79
N LYS B 90 7.36 3.43 -7.08
CA LYS B 90 6.64 2.49 -7.93
C LYS B 90 7.41 1.16 -8.01
N ALA B 91 8.73 1.25 -7.99
CA ALA B 91 9.57 0.07 -8.06
C ALA B 91 9.29 -0.84 -6.88
N ILE B 92 9.11 -0.22 -5.71
CA ILE B 92 8.82 -0.97 -4.49
C ILE B 92 7.40 -1.53 -4.56
N GLN B 93 6.46 -0.73 -5.06
CA GLN B 93 5.09 -1.21 -5.19
C GLN B 93 5.07 -2.44 -6.07
N ILE B 94 5.71 -2.32 -7.24
CA ILE B 94 5.78 -3.41 -8.18
C ILE B 94 6.54 -4.58 -7.56
N GLY B 95 7.67 -4.27 -6.94
CA GLY B 95 8.49 -5.29 -6.31
C GLY B 95 7.72 -6.11 -5.29
N LYS B 96 7.00 -5.45 -4.41
CA LYS B 96 6.23 -6.14 -3.38
C LYS B 96 5.24 -7.11 -4.02
N ARG B 97 4.53 -6.65 -5.06
CA ARG B 97 3.56 -7.49 -5.73
C ARG B 97 4.22 -8.71 -6.37
N ALA B 98 5.38 -8.51 -6.99
CA ALA B 98 6.09 -9.61 -7.63
C ALA B 98 6.53 -10.64 -6.59
N THR B 99 7.04 -10.14 -5.48
CA THR B 99 7.49 -11.04 -4.44
C THR B 99 6.30 -11.82 -3.90
N ALA B 100 5.17 -11.14 -3.71
CA ALA B 100 3.99 -11.79 -3.18
C ALA B 100 3.53 -12.93 -4.08
N ASN B 101 4.02 -12.94 -5.32
CA ASN B 101 3.64 -14.00 -6.27
C ASN B 101 4.80 -14.91 -6.62
N GLY B 102 5.75 -15.02 -5.70
CA GLY B 102 6.88 -15.90 -5.91
C GLY B 102 7.68 -15.62 -7.15
N MET B 103 8.01 -14.34 -7.38
CA MET B 103 8.80 -13.94 -8.54
C MET B 103 9.95 -13.05 -8.09
N LYS B 104 11.14 -13.28 -8.64
CA LYS B 104 12.31 -12.47 -8.29
C LYS B 104 12.20 -11.14 -8.99
N LEU B 105 12.98 -10.16 -8.55
CA LEU B 105 12.95 -8.84 -9.17
C LEU B 105 14.30 -8.50 -9.83
N LEU B 106 14.25 -7.75 -10.92
CA LEU B 106 15.45 -7.31 -11.60
C LEU B 106 15.31 -5.78 -11.57
N ALA B 107 16.09 -5.14 -10.71
CA ALA B 107 16.04 -3.68 -10.60
C ALA B 107 16.88 -3.09 -11.71
N ASP B 108 16.24 -2.40 -12.65
CA ASP B 108 16.99 -1.81 -13.75
C ASP B 108 17.16 -0.30 -13.55
N PHE B 109 18.33 0.11 -13.05
CA PHE B 109 18.60 1.53 -12.84
C PHE B 109 19.04 2.22 -14.11
N HIS B 110 18.28 3.23 -14.52
CA HIS B 110 18.63 3.97 -15.70
C HIS B 110 19.63 5.07 -15.36
N TYR B 111 19.71 5.41 -14.08
CA TYR B 111 20.62 6.46 -13.63
C TYR B 111 20.40 7.68 -14.51
N SER B 112 19.12 8.01 -14.70
CA SER B 112 18.68 9.14 -15.49
C SER B 112 17.29 9.45 -15.01
N ASP B 113 16.77 10.62 -15.35
CA ASP B 113 15.43 10.99 -14.93
C ASP B 113 14.41 10.50 -15.95
N PHE B 114 14.86 10.09 -17.13
CA PHE B 114 13.95 9.60 -18.16
C PHE B 114 14.64 8.55 -19.03
N TRP B 115 13.90 8.01 -19.99
CA TRP B 115 14.42 6.97 -20.90
C TRP B 115 15.92 7.05 -21.19
N ALA B 116 16.60 5.91 -21.04
CA ALA B 116 18.03 5.83 -21.31
C ALA B 116 18.26 4.80 -22.41
N ASP B 117 18.94 5.19 -23.48
CA ASP B 117 19.20 4.25 -24.55
C ASP B 117 20.50 4.61 -25.25
N PRO B 118 20.81 3.99 -26.41
CA PRO B 118 22.06 4.30 -27.11
C PRO B 118 22.25 5.76 -27.53
N ALA B 119 21.19 6.56 -27.43
CA ALA B 119 21.28 7.95 -27.84
C ALA B 119 21.05 8.90 -26.68
N LYS B 120 20.25 8.48 -25.71
CA LYS B 120 19.94 9.32 -24.56
C LYS B 120 20.46 8.68 -23.27
N GLN B 121 21.45 9.31 -22.67
CA GLN B 121 22.02 8.85 -21.42
C GLN B 121 22.23 10.09 -20.55
N LYS B 122 21.22 10.95 -20.49
CA LYS B 122 21.27 12.19 -19.72
C LYS B 122 21.32 11.90 -18.23
N ALA B 123 22.08 12.71 -17.51
CA ALA B 123 22.19 12.51 -16.06
C ALA B 123 21.01 13.07 -15.31
N PRO B 124 20.71 12.51 -14.15
CA PRO B 124 19.58 13.01 -13.36
C PRO B 124 19.78 14.51 -13.10
N LYS B 125 18.70 15.28 -13.13
CA LYS B 125 18.80 16.72 -12.90
C LYS B 125 19.61 17.00 -11.64
N ALA B 126 19.48 16.16 -10.62
CA ALA B 126 20.22 16.35 -9.37
C ALA B 126 21.73 16.26 -9.54
N TRP B 127 22.17 15.40 -10.45
CA TRP B 127 23.60 15.24 -10.71
C TRP B 127 24.04 16.16 -11.83
N ALA B 128 23.08 16.90 -12.38
CA ALA B 128 23.30 17.84 -13.47
C ALA B 128 24.70 18.44 -13.55
N ASN B 129 25.03 19.29 -12.59
CA ASN B 129 26.35 19.90 -12.59
C ASN B 129 27.19 19.47 -11.38
N LEU B 130 27.56 18.20 -11.36
CA LEU B 130 28.39 17.66 -10.30
C LEU B 130 29.67 17.18 -10.96
N ASN B 131 30.80 17.37 -10.26
CA ASN B 131 32.07 16.91 -10.80
C ASN B 131 32.06 15.38 -10.75
N PHE B 132 32.71 14.76 -11.73
CA PHE B 132 32.76 13.32 -11.82
C PHE B 132 32.91 12.62 -10.47
N GLU B 133 33.88 13.05 -9.67
CA GLU B 133 34.12 12.45 -8.37
C GLU B 133 32.88 12.43 -7.47
N ASP B 134 32.16 13.55 -7.47
CA ASP B 134 30.94 13.67 -6.67
C ASP B 134 29.76 12.91 -7.28
N LYS B 135 29.74 12.79 -8.60
CA LYS B 135 28.67 12.07 -9.27
C LYS B 135 28.87 10.59 -8.98
N LYS B 136 30.13 10.14 -9.01
CA LYS B 136 30.46 8.73 -8.75
C LYS B 136 29.96 8.32 -7.37
N THR B 137 30.24 9.13 -6.37
CA THR B 137 29.81 8.80 -5.03
C THR B 137 28.28 8.91 -4.89
N ALA B 138 27.68 9.80 -5.68
CA ALA B 138 26.22 9.99 -5.64
C ALA B 138 25.52 8.76 -6.21
N LEU B 139 26.08 8.23 -7.28
CA LEU B 139 25.54 7.05 -7.93
C LEU B 139 25.63 5.86 -6.99
N TYR B 140 26.74 5.75 -6.28
CA TYR B 140 26.92 4.66 -5.34
C TYR B 140 25.90 4.79 -4.20
N GLN B 141 25.71 6.01 -3.70
CA GLN B 141 24.76 6.26 -2.63
C GLN B 141 23.34 5.91 -3.07
N TYR B 142 22.96 6.42 -4.24
CA TYR B 142 21.63 6.17 -4.75
C TYR B 142 21.31 4.68 -4.82
N THR B 143 22.22 3.91 -5.40
CA THR B 143 22.02 2.48 -5.55
C THR B 143 21.89 1.84 -4.19
N LYS B 144 22.83 2.18 -3.33
CA LYS B 144 22.89 1.66 -1.97
C LYS B 144 21.60 1.95 -1.20
N GLN B 145 21.13 3.19 -1.27
CA GLN B 145 19.91 3.55 -0.57
C GLN B 145 18.72 2.84 -1.18
N SER B 146 18.59 2.91 -2.51
CA SER B 146 17.48 2.28 -3.22
C SER B 146 17.34 0.81 -2.87
N LEU B 147 18.45 0.08 -2.92
CA LEU B 147 18.43 -1.33 -2.61
C LEU B 147 18.02 -1.59 -1.17
N LYS B 148 18.66 -0.89 -0.23
CA LYS B 148 18.32 -1.09 1.18
C LYS B 148 16.82 -0.83 1.38
N ALA B 149 16.27 0.15 0.65
CA ALA B 149 14.86 0.46 0.74
C ALA B 149 14.00 -0.73 0.30
N MET B 150 14.35 -1.30 -0.85
CA MET B 150 13.60 -2.43 -1.37
C MET B 150 13.72 -3.60 -0.41
N LYS B 151 14.89 -3.78 0.17
CA LYS B 151 15.11 -4.87 1.12
C LYS B 151 14.19 -4.71 2.33
N ALA B 152 14.12 -3.49 2.85
CA ALA B 152 13.28 -3.22 4.00
C ALA B 152 11.82 -3.58 3.70
N ALA B 153 11.36 -3.32 2.47
CA ALA B 153 10.00 -3.64 2.06
C ALA B 153 9.84 -5.14 1.90
N GLY B 154 10.92 -5.87 2.13
CA GLY B 154 10.90 -7.32 2.01
C GLY B 154 10.76 -7.87 0.60
N ILE B 155 11.32 -7.15 -0.37
CA ILE B 155 11.28 -7.55 -1.78
C ILE B 155 12.44 -8.51 -2.10
N ASP B 156 12.15 -9.56 -2.86
CA ASP B 156 13.17 -10.53 -3.22
C ASP B 156 13.93 -10.07 -4.45
N ILE B 157 15.04 -9.36 -4.26
CA ILE B 157 15.82 -8.86 -5.38
C ILE B 157 16.83 -9.92 -5.82
N GLY B 158 16.71 -10.38 -7.05
CA GLY B 158 17.64 -11.38 -7.52
C GLY B 158 18.73 -10.83 -8.42
N MET B 159 18.44 -9.73 -9.10
CA MET B 159 19.39 -9.17 -10.04
C MET B 159 19.29 -7.65 -10.11
N VAL B 160 20.40 -7.00 -10.43
CA VAL B 160 20.39 -5.54 -10.55
C VAL B 160 21.13 -5.19 -11.85
N GLN B 161 20.55 -4.28 -12.60
CA GLN B 161 21.13 -3.85 -13.86
C GLN B 161 21.72 -2.47 -13.62
N VAL B 162 23.01 -2.32 -13.86
CA VAL B 162 23.65 -1.01 -13.65
C VAL B 162 23.67 -0.26 -14.98
N GLY B 163 22.56 0.41 -15.29
CA GLY B 163 22.45 1.14 -16.53
C GLY B 163 21.54 0.43 -17.52
N ASN B 164 21.06 1.14 -18.54
CA ASN B 164 20.16 0.57 -19.55
C ASN B 164 20.68 0.92 -20.95
N GLU B 165 21.10 -0.09 -21.70
CA GLU B 165 21.62 0.11 -23.06
C GLU B 165 22.71 1.19 -23.10
N THR B 166 23.64 1.06 -22.18
CA THR B 166 24.76 1.98 -22.07
C THR B 166 25.81 1.71 -23.16
N ASN B 167 25.44 1.84 -24.42
CA ASN B 167 26.35 1.60 -25.53
C ASN B 167 27.37 2.69 -25.66
N GLY B 168 26.96 3.91 -25.34
CA GLY B 168 27.87 5.04 -25.48
C GLY B 168 27.90 6.03 -24.35
N GLY B 169 27.14 5.79 -23.29
CA GLY B 169 27.18 6.73 -22.19
C GLY B 169 26.53 6.22 -20.94
N LEU B 170 26.62 7.01 -19.89
CA LEU B 170 26.00 6.70 -18.61
C LEU B 170 26.02 7.95 -17.74
N ALA B 171 24.84 8.34 -17.24
CA ALA B 171 24.69 9.51 -16.38
C ALA B 171 25.48 10.72 -16.87
N GLY B 172 25.33 11.04 -18.16
CA GLY B 172 26.02 12.19 -18.71
C GLY B 172 27.48 11.96 -19.04
N GLU B 173 27.98 10.77 -18.75
CA GLU B 173 29.38 10.45 -19.03
C GLU B 173 29.47 9.66 -20.32
N THR B 174 30.45 10.00 -21.16
CA THR B 174 30.62 9.30 -22.43
C THR B 174 32.01 8.69 -22.63
N ASP B 175 32.87 8.87 -21.62
CA ASP B 175 34.21 8.33 -21.68
C ASP B 175 34.26 6.96 -20.98
N TRP B 176 34.57 5.91 -21.74
CA TRP B 176 34.61 4.56 -21.16
C TRP B 176 35.46 4.40 -19.92
N ALA B 177 36.48 5.23 -19.77
CA ALA B 177 37.33 5.17 -18.60
C ALA B 177 36.50 5.59 -17.40
N LYS B 178 35.74 6.67 -17.57
CA LYS B 178 34.90 7.15 -16.48
C LYS B 178 33.62 6.32 -16.36
N MET B 179 33.16 5.74 -17.47
CA MET B 179 31.97 4.92 -17.40
C MET B 179 32.21 3.71 -16.52
N SER B 180 33.35 3.04 -16.73
CA SER B 180 33.71 1.86 -15.96
C SER B 180 33.68 2.14 -14.47
N GLN B 181 34.16 3.32 -14.10
CA GLN B 181 34.20 3.71 -12.70
C GLN B 181 32.79 3.85 -12.15
N LEU B 182 31.87 4.35 -12.96
CA LEU B 182 30.49 4.49 -12.50
C LEU B 182 29.87 3.12 -12.36
N PHE B 183 30.23 2.23 -13.28
CA PHE B 183 29.74 0.87 -13.27
C PHE B 183 30.14 0.22 -11.96
N ASN B 184 31.43 0.30 -11.60
CA ASN B 184 31.89 -0.31 -10.37
C ASN B 184 31.25 0.32 -9.15
N ALA B 185 30.97 1.62 -9.25
CA ALA B 185 30.34 2.34 -8.14
C ALA B 185 28.96 1.74 -7.83
N GLY B 186 28.18 1.53 -8.88
CA GLY B 186 26.86 0.95 -8.68
C GLY B 186 26.99 -0.50 -8.29
N SER B 187 27.99 -1.14 -8.88
CA SER B 187 28.27 -2.53 -8.61
C SER B 187 28.63 -2.72 -7.13
N GLN B 188 29.53 -1.88 -6.66
CA GLN B 188 29.97 -1.95 -5.27
C GLN B 188 28.76 -1.93 -4.36
N ALA B 189 27.86 -0.98 -4.59
CA ALA B 189 26.66 -0.86 -3.76
C ALA B 189 25.89 -2.18 -3.71
N VAL B 190 25.73 -2.81 -4.87
CA VAL B 190 25.02 -4.07 -4.96
C VAL B 190 25.74 -5.14 -4.12
N ARG B 191 27.06 -5.24 -4.29
CA ARG B 191 27.88 -6.19 -3.56
C ARG B 191 27.73 -6.04 -2.07
N GLU B 192 27.78 -4.80 -1.58
CA GLU B 192 27.66 -4.55 -0.16
C GLU B 192 26.28 -4.88 0.36
N THR B 193 25.28 -4.75 -0.50
CA THR B 193 23.92 -5.04 -0.10
C THR B 193 23.66 -6.53 0.07
N ASP B 194 24.08 -7.34 -0.90
CA ASP B 194 23.85 -8.78 -0.85
C ASP B 194 24.73 -9.48 -1.88
N SER B 195 25.43 -10.52 -1.47
CA SER B 195 26.31 -11.25 -2.38
C SER B 195 25.60 -12.10 -3.41
N ASN B 196 24.38 -12.54 -3.09
CA ASN B 196 23.61 -13.38 -4.00
C ASN B 196 23.02 -12.62 -5.16
N ILE B 197 22.94 -11.29 -5.03
CA ILE B 197 22.39 -10.49 -6.09
C ILE B 197 23.35 -10.44 -7.27
N LEU B 198 22.84 -10.75 -8.46
CA LEU B 198 23.67 -10.73 -9.66
C LEU B 198 23.74 -9.35 -10.25
N VAL B 199 24.93 -8.93 -10.65
CA VAL B 199 25.09 -7.61 -11.26
C VAL B 199 25.19 -7.75 -12.77
N ALA B 200 24.32 -7.03 -13.48
CA ALA B 200 24.29 -7.10 -14.94
C ALA B 200 24.44 -5.76 -15.63
N LEU B 201 25.11 -5.78 -16.78
CA LEU B 201 25.31 -4.58 -17.58
C LEU B 201 24.49 -4.82 -18.85
N HIS B 202 23.75 -3.81 -19.30
CA HIS B 202 22.86 -3.97 -20.46
C HIS B 202 23.29 -3.21 -21.71
N PHE B 203 23.44 -3.94 -22.81
CA PHE B 203 23.83 -3.31 -24.08
C PHE B 203 22.88 -3.71 -25.20
N THR B 204 22.94 -2.98 -26.31
CA THR B 204 22.05 -3.30 -27.42
C THR B 204 22.76 -3.23 -28.77
N ASN B 205 22.04 -3.56 -29.84
CA ASN B 205 22.62 -3.57 -31.17
C ASN B 205 23.67 -4.65 -31.33
N PRO B 206 23.29 -5.91 -31.14
CA PRO B 206 24.23 -7.02 -31.28
C PRO B 206 24.68 -7.30 -32.71
N GLU B 207 23.94 -6.76 -33.67
CA GLU B 207 24.28 -6.97 -35.08
C GLU B 207 25.50 -6.18 -35.54
N THR B 208 25.85 -5.14 -34.79
CA THR B 208 27.01 -4.34 -35.13
C THR B 208 28.27 -5.20 -35.06
N SER B 209 28.96 -5.33 -36.19
CA SER B 209 30.17 -6.14 -36.24
C SER B 209 31.17 -5.85 -35.13
N GLY B 210 31.45 -6.88 -34.32
CA GLY B 210 32.42 -6.77 -33.24
C GLY B 210 32.12 -5.79 -32.11
N ARG B 211 30.87 -5.32 -32.05
CA ARG B 211 30.46 -4.38 -31.03
C ARG B 211 30.57 -4.99 -29.63
N TYR B 212 29.90 -6.11 -29.41
CA TYR B 212 29.94 -6.73 -28.11
C TYR B 212 31.34 -7.21 -27.73
N ALA B 213 32.10 -7.65 -28.73
CA ALA B 213 33.46 -8.12 -28.47
C ALA B 213 34.30 -6.98 -27.94
N TRP B 214 34.14 -5.80 -28.54
CA TRP B 214 34.88 -4.62 -28.10
C TRP B 214 34.48 -4.21 -26.69
N ILE B 215 33.18 -4.12 -26.43
CA ILE B 215 32.69 -3.73 -25.11
C ILE B 215 33.16 -4.72 -24.03
N ALA B 216 33.03 -6.01 -24.30
CA ALA B 216 33.47 -7.01 -23.34
C ALA B 216 34.95 -6.80 -22.98
N GLU B 217 35.78 -6.61 -23.99
CA GLU B 217 37.21 -6.38 -23.79
C GLU B 217 37.47 -5.11 -23.00
N THR B 218 36.76 -4.04 -23.35
CA THR B 218 36.90 -2.74 -22.68
C THR B 218 36.54 -2.86 -21.20
N LEU B 219 35.42 -3.51 -20.92
CA LEU B 219 34.99 -3.68 -19.54
C LEU B 219 36.08 -4.40 -18.74
N HIS B 220 36.67 -5.40 -19.38
CA HIS B 220 37.72 -6.17 -18.74
C HIS B 220 38.99 -5.35 -18.51
N ARG B 221 39.37 -4.54 -19.49
CA ARG B 221 40.56 -3.70 -19.35
C ARG B 221 40.44 -2.75 -18.15
N HIS B 222 39.22 -2.33 -17.81
CA HIS B 222 39.01 -1.42 -16.68
C HIS B 222 38.52 -2.13 -15.44
N HIS B 223 38.69 -3.44 -15.43
CA HIS B 223 38.28 -4.28 -14.33
C HIS B 223 36.93 -3.89 -13.74
N VAL B 224 35.91 -3.96 -14.59
CA VAL B 224 34.54 -3.68 -14.17
C VAL B 224 34.02 -4.98 -13.56
N ASP B 225 33.49 -4.87 -12.35
CA ASP B 225 32.98 -6.03 -11.64
C ASP B 225 31.49 -6.28 -11.90
N TYR B 226 31.19 -7.25 -12.76
CA TYR B 226 29.81 -7.62 -13.09
C TYR B 226 29.71 -9.11 -13.35
N ASP B 227 28.51 -9.66 -13.20
CA ASP B 227 28.31 -11.10 -13.42
C ASP B 227 27.57 -11.44 -14.71
N VAL B 228 26.61 -10.60 -15.09
CA VAL B 228 25.81 -10.85 -16.28
C VAL B 228 25.95 -9.81 -17.38
N PHE B 229 26.15 -10.31 -18.60
CA PHE B 229 26.27 -9.46 -19.76
C PHE B 229 24.92 -9.56 -20.46
N ALA B 230 24.08 -8.55 -20.25
CA ALA B 230 22.75 -8.56 -20.83
C ALA B 230 22.69 -7.85 -22.17
N SER B 231 21.70 -8.23 -22.97
CA SER B 231 21.52 -7.65 -24.29
C SER B 231 20.05 -7.50 -24.65
N SER B 232 19.74 -6.49 -25.45
CA SER B 232 18.38 -6.28 -25.92
C SER B 232 18.30 -7.09 -27.19
N TYR B 233 17.09 -7.47 -27.59
CA TYR B 233 16.93 -8.17 -28.84
C TYR B 233 15.56 -7.99 -29.46
N TYR B 234 15.54 -7.15 -30.49
CA TYR B 234 14.33 -6.87 -31.23
C TYR B 234 14.63 -7.25 -32.65
N PRO B 235 14.05 -8.38 -33.10
CA PRO B 235 14.25 -8.89 -34.46
C PRO B 235 14.03 -7.85 -35.56
N PHE B 236 13.25 -6.81 -35.26
CA PHE B 236 12.98 -5.77 -36.24
C PHE B 236 14.29 -5.15 -36.76
N TRP B 237 15.29 -5.00 -35.90
CA TRP B 237 16.55 -4.37 -36.31
C TRP B 237 17.83 -5.05 -35.89
N HIS B 238 17.76 -5.93 -34.90
CA HIS B 238 18.95 -6.57 -34.37
C HIS B 238 19.50 -7.84 -34.97
N GLY B 239 19.42 -7.95 -36.29
CA GLY B 239 19.97 -9.11 -36.95
C GLY B 239 19.36 -10.44 -36.59
N THR B 240 20.03 -11.50 -37.05
CA THR B 240 19.60 -12.88 -36.88
C THR B 240 19.82 -13.49 -35.51
N LEU B 241 19.01 -14.50 -35.21
CA LEU B 241 19.15 -15.17 -33.93
C LEU B 241 20.46 -15.93 -33.89
N LYS B 242 20.98 -16.31 -35.05
CA LYS B 242 22.23 -17.07 -35.10
C LYS B 242 23.38 -16.19 -34.67
N ASN B 243 23.28 -14.90 -34.99
CA ASN B 243 24.30 -13.94 -34.65
C ASN B 243 24.27 -13.67 -33.15
N LEU B 244 23.06 -13.44 -32.64
CA LEU B 244 22.85 -13.20 -31.21
C LEU B 244 23.52 -14.31 -30.41
N THR B 245 23.16 -15.55 -30.71
CA THR B 245 23.72 -16.70 -30.02
C THR B 245 25.22 -16.70 -30.07
N SER B 246 25.73 -16.46 -31.27
CA SER B 246 27.15 -16.45 -31.52
C SER B 246 27.90 -15.36 -30.74
N VAL B 247 27.50 -14.11 -30.95
CA VAL B 247 28.13 -12.99 -30.29
C VAL B 247 28.12 -13.09 -28.76
N LEU B 248 27.02 -13.62 -28.21
CA LEU B 248 26.91 -13.79 -26.76
C LEU B 248 27.78 -14.94 -26.28
N THR B 249 27.87 -16.00 -27.07
CA THR B 249 28.70 -17.14 -26.67
C THR B 249 30.14 -16.70 -26.53
N SER B 250 30.57 -15.76 -27.38
CA SER B 250 31.94 -15.25 -27.30
C SER B 250 32.19 -14.57 -25.96
N VAL B 251 31.29 -13.66 -25.60
CA VAL B 251 31.41 -12.96 -24.33
C VAL B 251 31.51 -13.98 -23.20
N ALA B 252 30.62 -14.96 -23.22
CA ALA B 252 30.62 -16.00 -22.20
C ALA B 252 31.92 -16.79 -22.16
N ASP B 253 32.29 -17.39 -23.28
CA ASP B 253 33.52 -18.19 -23.33
C ASP B 253 34.77 -17.42 -23.02
N THR B 254 34.90 -16.22 -23.57
CA THR B 254 36.10 -15.43 -23.35
C THR B 254 36.23 -14.78 -21.98
N TYR B 255 35.13 -14.30 -21.42
CA TYR B 255 35.19 -13.62 -20.13
C TYR B 255 34.46 -14.33 -19.02
N GLY B 256 33.98 -15.53 -19.29
CA GLY B 256 33.29 -16.28 -18.27
C GLY B 256 32.14 -15.54 -17.61
N LYS B 257 31.32 -14.87 -18.39
CA LYS B 257 30.19 -14.16 -17.82
C LYS B 257 28.93 -14.90 -18.21
N LYS B 258 27.86 -14.66 -17.48
CA LYS B 258 26.58 -15.27 -17.81
C LYS B 258 26.04 -14.31 -18.86
N VAL B 259 25.16 -14.77 -19.73
CA VAL B 259 24.58 -13.87 -20.71
C VAL B 259 23.07 -13.98 -20.65
N MET B 260 22.37 -13.02 -21.24
CA MET B 260 20.92 -13.09 -21.25
C MET B 260 20.34 -11.99 -22.12
N VAL B 261 19.04 -12.06 -22.38
CA VAL B 261 18.37 -11.04 -23.15
C VAL B 261 17.49 -10.31 -22.15
N ALA B 262 17.78 -9.02 -21.96
CA ALA B 262 17.05 -8.17 -21.02
C ALA B 262 15.74 -7.63 -21.58
N GLU B 263 15.69 -7.45 -22.90
CA GLU B 263 14.51 -6.92 -23.57
C GLU B 263 14.25 -7.60 -24.89
N THR B 264 12.97 -7.83 -25.18
CA THR B 264 12.57 -8.46 -26.42
C THR B 264 11.05 -8.42 -26.49
N SER B 265 10.52 -8.53 -27.70
CA SER B 265 9.08 -8.53 -27.91
C SER B 265 8.80 -8.81 -29.35
N TYR B 266 7.52 -8.78 -29.72
CA TYR B 266 7.11 -8.99 -31.10
C TYR B 266 5.66 -8.58 -31.26
N THR B 267 5.31 -8.21 -32.47
CA THR B 267 3.96 -7.78 -32.82
C THR B 267 3.02 -8.95 -33.07
N TYR B 268 1.85 -8.92 -32.45
CA TYR B 268 0.85 -9.98 -32.63
C TYR B 268 -0.25 -9.47 -33.56
N THR B 269 -0.23 -8.17 -33.83
CA THR B 269 -1.23 -7.55 -34.69
C THR B 269 -0.64 -6.29 -35.31
N ALA B 270 -1.12 -5.92 -36.49
CA ALA B 270 -0.63 -4.72 -37.15
C ALA B 270 -1.47 -3.54 -36.73
N GLU B 271 -2.56 -3.81 -36.03
CA GLU B 271 -3.47 -2.75 -35.58
C GLU B 271 -2.99 -1.99 -34.35
N ASP B 272 -3.33 -0.72 -34.28
CA ASP B 272 -2.99 0.12 -33.14
C ASP B 272 -4.29 0.50 -32.42
N GLY B 273 -4.57 -0.13 -31.29
CA GLY B 273 -5.82 0.15 -30.60
C GLY B 273 -5.78 1.22 -29.53
N ASP B 274 -4.78 2.08 -29.63
CA ASP B 274 -4.58 3.10 -28.64
C ASP B 274 -4.72 4.51 -29.24
N GLY B 275 -4.40 4.65 -30.52
CA GLY B 275 -4.53 5.94 -31.15
C GLY B 275 -3.20 6.62 -31.38
N HIS B 276 -2.19 6.20 -30.61
CA HIS B 276 -0.84 6.74 -30.74
C HIS B 276 -0.04 5.75 -31.58
N GLY B 277 0.49 6.23 -32.70
CA GLY B 277 1.26 5.36 -33.58
C GLY B 277 2.25 4.41 -32.91
N ASN B 278 2.23 3.15 -33.37
CA ASN B 278 3.09 2.11 -32.82
C ASN B 278 4.45 2.01 -33.49
N THR B 279 5.41 1.46 -32.76
CA THR B 279 6.77 1.29 -33.24
C THR B 279 6.87 0.28 -34.37
N ALA B 280 6.10 -0.80 -34.26
CA ALA B 280 6.12 -1.84 -35.28
C ALA B 280 4.71 -2.38 -35.51
N PRO B 281 4.47 -3.01 -36.67
CA PRO B 281 5.44 -3.21 -37.75
C PRO B 281 5.48 -2.00 -38.67
N LYS B 282 6.57 -1.89 -39.43
CA LYS B 282 6.75 -0.80 -40.37
C LYS B 282 7.64 -1.27 -41.51
N ASN B 283 7.67 -0.53 -42.61
CA ASN B 283 8.49 -0.88 -43.75
C ASN B 283 9.97 -0.78 -43.39
N GLY B 284 10.76 -1.68 -43.96
CA GLY B 284 12.18 -1.66 -43.69
C GLY B 284 12.55 -2.51 -42.47
N GLN B 285 11.56 -2.86 -41.67
CA GLN B 285 11.81 -3.68 -40.49
C GLN B 285 11.75 -5.13 -40.92
N THR B 286 12.57 -5.96 -40.27
CA THR B 286 12.63 -7.38 -40.57
C THR B 286 11.53 -8.12 -39.83
N LEU B 287 10.68 -8.82 -40.58
CA LEU B 287 9.61 -9.55 -39.95
C LEU B 287 9.68 -11.02 -40.33
N ASN B 288 10.52 -11.76 -39.65
CA ASN B 288 10.68 -13.17 -39.96
C ASN B 288 9.47 -14.00 -39.61
N ASN B 289 8.68 -13.52 -38.66
CA ASN B 289 7.48 -14.26 -38.28
C ASN B 289 6.24 -13.49 -38.66
N PRO B 290 5.14 -14.20 -38.88
CA PRO B 290 3.91 -13.50 -39.26
C PRO B 290 3.44 -12.62 -38.11
N VAL B 291 2.85 -11.48 -38.46
CA VAL B 291 2.35 -10.56 -37.45
C VAL B 291 1.01 -11.10 -36.99
N THR B 292 1.07 -12.12 -36.13
CA THR B 292 -0.10 -12.78 -35.58
C THR B 292 0.28 -13.33 -34.22
N VAL B 293 -0.72 -13.76 -33.46
CA VAL B 293 -0.46 -14.32 -32.15
C VAL B 293 0.50 -15.51 -32.24
N GLN B 294 0.33 -16.37 -33.25
CA GLN B 294 1.22 -17.51 -33.40
C GLN B 294 2.61 -17.03 -33.74
N GLY B 295 2.68 -15.99 -34.57
CA GLY B 295 3.97 -15.46 -34.95
C GLY B 295 4.71 -14.96 -33.72
N GLN B 296 4.02 -14.14 -32.94
CA GLN B 296 4.58 -13.59 -31.72
C GLN B 296 5.08 -14.72 -30.83
N ALA B 297 4.30 -15.78 -30.69
CA ALA B 297 4.74 -16.90 -29.87
C ALA B 297 6.02 -17.51 -30.45
N ASN B 298 6.08 -17.67 -31.78
CA ASN B 298 7.27 -18.22 -32.42
C ASN B 298 8.49 -17.38 -32.08
N ALA B 299 8.34 -16.06 -32.23
CA ALA B 299 9.40 -15.11 -31.97
C ALA B 299 10.00 -15.33 -30.59
N VAL B 300 9.15 -15.32 -29.56
CA VAL B 300 9.59 -15.50 -28.18
C VAL B 300 10.26 -16.86 -27.98
N ARG B 301 9.62 -17.90 -28.49
CA ARG B 301 10.14 -19.25 -28.37
C ARG B 301 11.53 -19.38 -29.00
N ASP B 302 11.76 -18.64 -30.08
CA ASP B 302 13.04 -18.70 -30.75
C ASP B 302 14.16 -17.96 -30.03
N VAL B 303 13.80 -16.90 -29.32
CA VAL B 303 14.81 -16.13 -28.60
C VAL B 303 15.25 -16.99 -27.43
N ILE B 304 14.29 -17.66 -26.80
CA ILE B 304 14.59 -18.53 -25.67
C ILE B 304 15.54 -19.62 -26.16
N GLN B 305 15.26 -20.17 -27.33
CA GLN B 305 16.11 -21.18 -27.91
C GLN B 305 17.51 -20.62 -28.12
N ALA B 306 17.59 -19.46 -28.76
CA ALA B 306 18.87 -18.79 -29.06
C ALA B 306 19.74 -18.54 -27.82
N VAL B 307 19.11 -18.15 -26.72
CA VAL B 307 19.83 -17.90 -25.49
C VAL B 307 20.23 -19.22 -24.86
N SER B 308 19.36 -20.20 -24.96
CA SER B 308 19.62 -21.51 -24.40
C SER B 308 20.76 -22.20 -25.14
N ASP B 309 20.87 -21.96 -26.45
CA ASP B 309 21.94 -22.57 -27.23
C ASP B 309 23.31 -22.04 -26.87
N VAL B 310 23.36 -21.02 -26.04
CA VAL B 310 24.63 -20.45 -25.65
C VAL B 310 25.30 -21.45 -24.71
N GLY B 311 24.48 -22.23 -24.02
CA GLY B 311 25.01 -23.20 -23.07
C GLY B 311 24.69 -22.78 -21.65
N GLU B 312 25.50 -23.24 -20.71
CA GLU B 312 25.30 -22.90 -19.30
C GLU B 312 25.21 -21.40 -19.06
N ALA B 313 25.97 -20.62 -19.84
CA ALA B 313 25.98 -19.18 -19.67
C ALA B 313 24.65 -18.49 -19.93
N GLY B 314 23.85 -19.03 -20.85
CA GLY B 314 22.56 -18.42 -21.15
C GLY B 314 21.60 -18.67 -19.98
N ILE B 315 21.31 -17.62 -19.22
CA ILE B 315 20.48 -17.75 -18.05
C ILE B 315 19.02 -17.39 -18.20
N GLY B 316 18.69 -16.58 -19.19
CA GLY B 316 17.28 -16.23 -19.36
C GLY B 316 16.94 -15.18 -20.41
N VAL B 317 15.64 -14.96 -20.53
CA VAL B 317 15.09 -14.00 -21.48
C VAL B 317 14.02 -13.16 -20.77
N PHE B 318 13.95 -11.89 -21.13
CA PHE B 318 12.97 -11.00 -20.54
C PHE B 318 12.08 -10.39 -21.63
N TYR B 319 10.77 -10.57 -21.51
CA TYR B 319 9.87 -9.97 -22.49
C TYR B 319 9.63 -8.54 -22.03
N TRP B 320 9.80 -7.57 -22.93
CA TRP B 320 9.60 -6.19 -22.55
C TRP B 320 8.17 -5.67 -22.67
N GLU B 321 7.64 -5.15 -21.57
CA GLU B 321 6.30 -4.57 -21.57
C GLU B 321 5.24 -5.40 -22.28
N PRO B 322 4.84 -6.54 -21.70
CA PRO B 322 3.82 -7.38 -22.34
C PRO B 322 2.41 -6.94 -21.99
N ALA B 323 2.27 -5.87 -21.20
CA ALA B 323 0.95 -5.42 -20.83
C ALA B 323 0.74 -3.92 -20.95
N TRP B 324 1.45 -3.29 -21.88
CA TRP B 324 1.30 -1.85 -22.07
C TRP B 324 0.14 -1.62 -23.05
N ILE B 325 -1.01 -2.16 -22.70
CA ILE B 325 -2.19 -2.04 -23.52
C ILE B 325 -2.81 -0.63 -23.47
N PRO B 326 -3.71 -0.32 -24.42
CA PRO B 326 -4.35 0.99 -24.49
C PRO B 326 -5.27 1.35 -23.33
N VAL B 327 -5.32 2.65 -23.01
CA VAL B 327 -6.17 3.12 -21.92
C VAL B 327 -7.58 3.36 -22.40
N GLY B 328 -7.77 3.30 -23.73
CA GLY B 328 -9.07 3.51 -24.34
C GLY B 328 -8.97 3.31 -25.84
N PRO B 329 -10.10 3.11 -26.54
CA PRO B 329 -10.14 2.91 -27.99
C PRO B 329 -9.43 4.00 -28.77
N ALA B 330 -8.92 3.63 -29.93
CA ALA B 330 -8.20 4.57 -30.79
C ALA B 330 -9.05 5.77 -31.19
N HIS B 331 -10.35 5.57 -31.31
CA HIS B 331 -11.22 6.68 -31.70
C HIS B 331 -11.52 7.62 -30.55
N ARG B 332 -10.77 7.50 -29.46
CA ARG B 332 -10.99 8.34 -28.29
C ARG B 332 -9.72 9.10 -27.99
N LEU B 333 -8.95 9.36 -29.04
CA LEU B 333 -7.69 10.07 -28.90
C LEU B 333 -7.74 11.21 -27.90
N GLU B 334 -8.64 12.16 -28.12
CA GLU B 334 -8.75 13.31 -27.23
C GLU B 334 -8.96 12.94 -25.77
N LYS B 335 -9.78 11.94 -25.51
CA LYS B 335 -10.05 11.55 -24.15
C LYS B 335 -8.88 10.77 -23.58
N ASN B 336 -8.14 10.09 -24.44
CA ASN B 336 -6.98 9.31 -24.00
C ASN B 336 -5.83 10.23 -23.65
N LYS B 337 -5.62 11.25 -24.49
CA LYS B 337 -4.56 12.22 -24.27
C LYS B 337 -4.63 12.74 -22.84
N ALA B 338 -5.85 12.91 -22.34
CA ALA B 338 -6.06 13.39 -20.97
C ALA B 338 -5.44 12.44 -19.97
N LEU B 339 -5.74 11.15 -20.12
CA LEU B 339 -5.20 10.13 -19.23
C LEU B 339 -3.69 10.02 -19.34
N TRP B 340 -3.19 9.91 -20.56
CA TRP B 340 -1.75 9.80 -20.76
C TRP B 340 -1.03 10.91 -20.03
N GLU B 341 -1.59 12.10 -20.12
CA GLU B 341 -1.02 13.29 -19.51
C GLU B 341 -1.13 13.33 -17.97
N THR B 342 -2.28 12.92 -17.47
CA THR B 342 -2.50 12.94 -16.04
C THR B 342 -1.75 11.84 -15.28
N TYR B 343 -1.83 10.62 -15.79
CA TYR B 343 -1.17 9.50 -15.11
C TYR B 343 0.13 9.02 -15.73
N GLY B 344 0.54 9.63 -16.83
CA GLY B 344 1.77 9.22 -17.49
C GLY B 344 1.69 7.78 -17.92
N SER B 345 0.52 7.37 -18.39
CA SER B 345 0.30 6.01 -18.83
C SER B 345 0.69 5.85 -20.30
N GLY B 346 1.33 6.87 -20.84
CA GLY B 346 1.77 6.84 -22.22
C GLY B 346 3.28 6.68 -22.20
N TRP B 347 3.94 6.79 -23.35
CA TRP B 347 5.39 6.64 -23.36
C TRP B 347 6.07 7.92 -22.87
N ALA B 348 5.35 9.03 -22.96
CA ALA B 348 5.86 10.33 -22.53
C ALA B 348 4.74 11.35 -22.47
N THR B 349 4.89 12.33 -21.56
CA THR B 349 3.91 13.40 -21.43
C THR B 349 4.59 14.66 -21.91
N SER B 350 3.80 15.69 -22.20
CA SER B 350 4.37 16.94 -22.66
C SER B 350 5.35 17.51 -21.62
N TYR B 351 5.13 17.21 -20.34
CA TYR B 351 5.99 17.70 -19.28
C TYR B 351 7.43 17.22 -19.40
N ALA B 352 7.64 16.19 -20.21
CA ALA B 352 8.98 15.66 -20.38
C ALA B 352 9.82 16.55 -21.29
N ALA B 353 9.19 17.54 -21.90
CA ALA B 353 9.92 18.43 -22.79
C ALA B 353 11.09 19.13 -22.10
N GLU B 354 10.94 19.38 -20.80
CA GLU B 354 12.01 20.06 -20.07
C GLU B 354 13.27 19.21 -20.00
N TYR B 355 13.11 17.88 -20.05
CA TYR B 355 14.25 16.96 -19.97
C TYR B 355 14.70 16.42 -21.33
N ASP B 356 13.75 16.22 -22.23
CA ASP B 356 14.06 15.73 -23.57
C ASP B 356 13.20 16.50 -24.56
N PRO B 357 13.69 17.67 -25.01
CA PRO B 357 12.95 18.49 -25.96
C PRO B 357 12.92 17.91 -27.38
N GLU B 358 13.91 17.10 -27.73
CA GLU B 358 13.99 16.51 -29.07
C GLU B 358 12.94 15.44 -29.38
N ASP B 359 12.91 14.35 -28.61
CA ASP B 359 11.93 13.29 -28.84
C ASP B 359 10.63 13.53 -28.08
N ALA B 360 10.60 13.06 -26.83
CA ALA B 360 9.42 13.21 -26.00
C ALA B 360 8.89 14.63 -26.04
N GLY B 361 9.77 15.58 -26.36
CA GLY B 361 9.38 16.96 -26.41
C GLY B 361 8.23 17.24 -27.35
N LYS B 362 8.30 16.71 -28.56
CA LYS B 362 7.23 16.93 -29.52
C LYS B 362 6.75 15.67 -30.19
N TRP B 363 6.76 14.56 -29.44
CA TRP B 363 6.30 13.27 -29.93
C TRP B 363 5.64 12.53 -28.78
N PHE B 364 5.40 13.25 -27.68
CA PHE B 364 4.76 12.66 -26.52
C PHE B 364 3.36 12.17 -26.86
N GLY B 365 2.93 11.09 -26.20
CA GLY B 365 1.62 10.56 -26.47
C GLY B 365 1.33 9.30 -25.69
N GLY B 366 0.66 8.35 -26.32
CA GLY B 366 0.31 7.12 -25.64
C GLY B 366 1.30 5.98 -25.80
N SER B 367 0.76 4.77 -25.87
CA SER B 367 1.55 3.55 -26.01
C SER B 367 1.95 3.29 -27.45
N ALA B 368 3.19 2.84 -27.64
CA ALA B 368 3.68 2.54 -28.98
C ALA B 368 3.93 1.06 -29.16
N VAL B 369 3.57 0.30 -28.13
CA VAL B 369 3.77 -1.15 -28.14
C VAL B 369 2.54 -1.93 -27.71
N ASP B 370 1.35 -1.35 -27.84
CA ASP B 370 0.15 -2.05 -27.43
C ASP B 370 -0.09 -3.27 -28.31
N ASN B 371 0.47 -3.25 -29.51
CA ASN B 371 0.29 -4.37 -30.42
C ASN B 371 1.43 -5.39 -30.28
N GLN B 372 2.17 -5.25 -29.19
CA GLN B 372 3.27 -6.16 -28.92
C GLN B 372 3.08 -6.79 -27.55
N ALA B 373 1.89 -6.61 -26.99
CA ALA B 373 1.59 -7.17 -25.67
C ALA B 373 1.14 -8.63 -25.72
N LEU B 374 1.02 -9.26 -24.56
CA LEU B 374 0.57 -10.64 -24.48
C LEU B 374 -0.88 -10.65 -24.01
N PHE B 375 -1.45 -9.45 -23.91
CA PHE B 375 -2.84 -9.26 -23.53
C PHE B 375 -3.45 -8.45 -24.66
N ASP B 376 -4.76 -8.59 -24.90
CA ASP B 376 -5.40 -7.83 -25.97
C ASP B 376 -5.74 -6.43 -25.49
N PHE B 377 -6.28 -5.64 -26.42
CA PHE B 377 -6.66 -4.26 -26.14
C PHE B 377 -7.65 -4.11 -24.99
N LYS B 378 -8.38 -5.19 -24.69
CA LYS B 378 -9.37 -5.19 -23.61
C LYS B 378 -8.80 -5.69 -22.28
N GLY B 379 -7.50 -5.99 -22.25
CA GLY B 379 -6.89 -6.47 -21.02
C GLY B 379 -6.97 -7.98 -20.77
N ARG B 380 -7.45 -8.70 -21.79
CA ARG B 380 -7.59 -10.14 -21.72
C ARG B 380 -6.34 -10.81 -22.31
N PRO B 381 -5.81 -11.84 -21.62
CA PRO B 381 -4.61 -12.54 -22.07
C PRO B 381 -4.75 -13.27 -23.39
N LEU B 382 -3.71 -13.20 -24.21
CA LEU B 382 -3.70 -13.88 -25.52
C LEU B 382 -3.11 -15.25 -25.30
N PRO B 383 -3.44 -16.21 -26.18
CA PRO B 383 -2.88 -17.55 -26.00
C PRO B 383 -1.35 -17.62 -26.05
N SER B 384 -0.73 -16.60 -26.62
CA SER B 384 0.73 -16.54 -26.74
C SER B 384 1.38 -16.34 -25.38
N LEU B 385 0.57 -16.10 -24.35
CA LEU B 385 1.09 -15.91 -23.02
C LEU B 385 1.59 -17.24 -22.47
N HIS B 386 1.05 -18.34 -22.99
CA HIS B 386 1.43 -19.67 -22.55
C HIS B 386 2.75 -20.12 -23.10
N VAL B 387 3.39 -19.26 -23.86
CA VAL B 387 4.67 -19.62 -24.43
C VAL B 387 5.69 -19.98 -23.34
N PHE B 388 5.64 -19.29 -22.21
CA PHE B 388 6.59 -19.55 -21.14
C PHE B 388 6.55 -20.95 -20.55
N GLN B 389 5.42 -21.63 -20.70
CA GLN B 389 5.30 -22.99 -20.19
C GLN B 389 5.62 -23.99 -21.30
N TYR B 390 5.00 -23.78 -22.46
CA TYR B 390 5.19 -24.68 -23.60
C TYR B 390 6.62 -24.92 -24.03
N VAL B 391 7.50 -23.92 -23.90
CA VAL B 391 8.90 -24.10 -24.28
C VAL B 391 9.51 -25.26 -23.51
N ASP B 392 8.96 -25.54 -22.34
CA ASP B 392 9.45 -26.62 -21.49
C ASP B 392 9.06 -28.00 -22.01
N THR B 393 7.78 -28.16 -22.32
CA THR B 393 7.25 -29.44 -22.80
C THR B 393 6.89 -29.40 -24.27
N GLY B 394 6.16 -28.37 -24.65
CA GLY B 394 5.72 -28.26 -26.01
C GLY B 394 4.22 -28.28 -25.97
N THR B 395 3.60 -28.12 -27.13
CA THR B 395 2.15 -28.12 -27.17
C THR B 395 1.68 -29.40 -26.51
N PRO B 396 0.88 -29.25 -25.44
CA PRO B 396 0.36 -30.40 -24.71
C PRO B 396 -0.71 -31.17 -25.49
N PHE B 397 -0.96 -32.41 -25.06
CA PHE B 397 -1.97 -33.25 -25.70
C PHE B 397 -3.19 -33.44 -24.82
#